data_5U1C
#
_entry.id   5U1C
#
loop_
_entity.id
_entity.type
_entity.pdbx_description
1 polymer 'HIV-1 Integrase, Sso7d chimera'
2 polymer 'DNA (11-MER)'
3 polymer 'DNA (23-MER)'
4 polymer 'DNA (37-MER)'
5 non-polymer 'ZINC ION'
6 non-polymer 'MAGNESIUM ION'
#
loop_
_entity_poly.entity_id
_entity_poly.type
_entity_poly.pdbx_seq_one_letter_code
_entity_poly.pdbx_strand_id
1 'polypeptide(L)'
;MGSSHHHHHHSSGLVPRGSHMATVKFKYKGEEKEVDISKIKKVWRVGKMISFTYDEGGGKTGRGAVSEKDAPKELLQMLE
KQKKGGGGGGGGGGGFLDGIDKAQEEHEKYHSNWRAMASDFNLPPVVAKEIVASCDKCQLKGEAMHGQVDCSPGIWQLDC
THLEGKVILVAVHVASGYIEAEVIPAETGQETAYFLLKLAGRWPVKTVHTDNGSNFTSTTVKAACWWAGIKQEFGIPYNP
QSQGVIQSMNKELKKIIGQVRDQAEHLKTAVQMAVFIHNFKRKGGIGGYSAGERIVDIIATDIQTKELQKQITKIQNFRV
YYRDSRDPVWKGPAKLLWKGEGAVVIQDNSDIKVVPRRKAKIIRDYGKQMAGDDCVASRQDED
;
A,B,C,D
2 'polydeoxyribonucleotide' (DG)(DT)(DA)(DC)(DG)(DC)(DT)(DG)(DA)(DC)(DT) G,H
3 'polydeoxyribonucleotide'
;(DA)(DC)(DT)(DG)(DC)(DT)(DA)(DG)(DA)(DG)(DA)(DT)(DT)(DT)(DT)(DC)(DC)(DA)(DC)(DA)
(DC)(DT)(DG)
;
E,I
4 'polydeoxyribonucleotide'
;(DC)(DA)(DG)(DT)(DG)(DT)(DG)(DG)(DA)(DA)(DA)(DA)(DT)(DC)(DT)(DC)(DT)(DA)(DG)(DC)
(DA)(DG)(DT)(DT)(DA)(DC)(DA)(DG)(DT)(DC)(DA)(DG)(DC)(DG)(DT)(DA)(DC)
;
F,J
#
# COMPACT_ATOMS: atom_id res chain seq x y z
N PHE A 96 23.84 18.73 34.34
CA PHE A 96 24.76 18.06 33.42
C PHE A 96 25.47 19.14 32.61
N LEU A 97 24.78 19.69 31.61
CA LEU A 97 25.23 20.81 30.83
C LEU A 97 24.02 21.68 30.52
N ASP A 98 24.19 23.00 30.59
CA ASP A 98 23.07 23.90 30.33
C ASP A 98 22.57 23.75 28.89
N GLY A 99 23.44 23.29 27.99
CA GLY A 99 23.00 22.87 26.68
C GLY A 99 21.88 21.85 26.74
N ILE A 100 21.87 21.00 27.76
CA ILE A 100 20.80 20.02 27.88
C ILE A 100 19.49 20.71 28.25
N ASP A 101 19.53 21.63 29.21
CA ASP A 101 18.33 22.33 29.62
C ASP A 101 17.73 23.13 28.48
N LYS A 102 18.55 23.93 27.79
CA LYS A 102 18.03 24.66 26.64
C LYS A 102 17.65 23.73 25.50
N ALA A 103 18.26 22.54 25.43
CA ALA A 103 17.83 21.54 24.46
C ALA A 103 16.45 21.02 24.79
N GLN A 104 16.09 21.02 26.08
CA GLN A 104 14.79 20.50 26.49
C GLN A 104 13.72 21.57 26.37
N GLU A 105 14.12 22.83 26.51
CA GLU A 105 13.21 23.94 26.21
C GLU A 105 12.96 24.02 24.70
N GLU A 106 14.05 24.09 23.93
CA GLU A 106 14.01 23.97 22.48
C GLU A 106 13.09 22.84 22.04
N HIS A 107 13.36 21.62 22.52
CA HIS A 107 12.55 20.47 22.16
C HIS A 107 11.09 20.65 22.56
N GLU A 108 10.85 21.11 23.78
CA GLU A 108 9.49 21.22 24.27
C GLU A 108 8.75 22.41 23.67
N LYS A 109 9.38 23.18 22.79
CA LYS A 109 8.70 24.22 22.03
C LYS A 109 8.54 23.84 20.57
N TYR A 110 9.51 23.13 20.00
CA TYR A 110 9.55 22.80 18.59
C TYR A 110 9.52 21.31 18.30
N HIS A 111 9.74 20.45 19.29
CA HIS A 111 9.87 19.02 19.09
C HIS A 111 10.88 18.70 17.99
N SER A 112 12.08 19.25 18.11
CA SER A 112 13.15 18.94 17.18
C SER A 112 13.53 17.48 17.26
N ASN A 113 14.17 17.00 16.20
CA ASN A 113 14.72 15.65 16.18
C ASN A 113 16.09 15.62 16.84
N TRP A 114 16.73 14.45 16.80
CA TRP A 114 17.97 14.29 17.54
C TRP A 114 19.15 14.91 16.82
N ARG A 115 19.15 14.87 15.48
CA ARG A 115 20.24 15.49 14.74
C ARG A 115 20.23 17.00 14.92
N ALA A 116 19.05 17.59 14.98
CA ALA A 116 18.94 19.04 15.09
C ALA A 116 19.52 19.54 16.40
N MET A 117 18.99 19.05 17.52
CA MET A 117 19.52 19.43 18.83
C MET A 117 20.98 19.06 18.94
N ALA A 118 21.37 17.91 18.39
CA ALA A 118 22.72 17.42 18.55
C ALA A 118 23.72 18.35 17.86
N SER A 119 23.50 18.64 16.58
CA SER A 119 24.44 19.48 15.85
C SER A 119 24.33 20.94 16.25
N ASP A 120 23.11 21.45 16.43
CA ASP A 120 22.92 22.85 16.78
C ASP A 120 23.59 23.22 18.10
N PHE A 121 23.14 22.63 19.20
CA PHE A 121 23.65 22.95 20.53
C PHE A 121 24.93 22.20 20.87
N ASN A 122 25.56 21.55 19.89
CA ASN A 122 26.89 20.95 20.06
C ASN A 122 26.86 19.88 21.14
N LEU A 123 25.98 18.88 20.94
CA LEU A 123 25.76 17.78 21.86
C LEU A 123 26.04 16.44 21.15
N PRO A 124 26.11 15.33 21.90
CA PRO A 124 26.31 14.04 21.23
C PRO A 124 24.98 13.43 20.83
N PRO A 125 24.99 12.43 19.96
CA PRO A 125 23.70 11.87 19.51
C PRO A 125 22.96 11.09 20.56
N VAL A 126 23.67 10.53 21.56
CA VAL A 126 23.01 9.63 22.49
C VAL A 126 22.04 10.40 23.38
N VAL A 127 22.56 11.41 24.10
CA VAL A 127 21.70 12.20 24.97
C VAL A 127 20.64 12.92 24.16
N ALA A 128 20.95 13.26 22.90
CA ALA A 128 19.94 13.81 22.02
C ALA A 128 18.78 12.83 21.85
N LYS A 129 19.10 11.57 21.54
CA LYS A 129 18.07 10.56 21.40
C LYS A 129 17.42 10.23 22.73
N GLU A 130 18.03 10.64 23.85
CA GLU A 130 17.40 10.45 25.14
C GLU A 130 16.42 11.57 25.43
N ILE A 131 16.67 12.75 24.89
CA ILE A 131 15.71 13.84 25.01
C ILE A 131 14.52 13.56 24.12
N VAL A 132 14.81 13.14 22.88
CA VAL A 132 13.75 12.72 21.96
C VAL A 132 12.96 11.58 22.57
N ALA A 133 13.65 10.57 23.09
CA ALA A 133 12.96 9.40 23.64
C ALA A 133 12.32 9.70 24.99
N SER A 134 12.73 10.79 25.65
CA SER A 134 12.05 11.20 26.85
C SER A 134 10.69 11.83 26.57
N CYS A 135 10.42 12.18 25.31
CA CYS A 135 9.20 12.89 24.94
C CYS A 135 8.08 11.89 24.72
N ASP A 136 6.84 12.36 24.82
CA ASP A 136 5.68 11.50 24.62
C ASP A 136 5.11 11.66 23.22
N LYS A 137 4.96 12.91 22.77
CA LYS A 137 4.26 13.18 21.51
C LYS A 137 5.02 12.68 20.30
N CYS A 138 6.34 12.86 20.25
CA CYS A 138 7.15 12.46 19.12
C CYS A 138 7.14 10.97 18.85
N GLN A 139 6.75 10.17 19.83
CA GLN A 139 6.85 8.71 19.72
C GLN A 139 5.55 8.19 19.12
N LEU A 140 5.49 8.25 17.79
CA LEU A 140 4.38 7.71 17.04
C LEU A 140 4.81 6.48 16.24
N LYS A 141 5.61 6.68 15.20
CA LYS A 141 6.01 5.57 14.33
C LYS A 141 6.44 4.29 15.03
N GLY A 142 6.17 3.16 14.39
CA GLY A 142 6.48 1.83 14.89
C GLY A 142 7.74 1.24 14.29
N GLU A 143 7.78 -0.10 14.30
CA GLU A 143 9.03 -0.83 14.15
C GLU A 143 9.42 -1.14 12.71
N ALA A 144 8.51 -1.00 11.76
CA ALA A 144 8.83 -1.16 10.34
C ALA A 144 9.34 -2.56 10.02
N MET A 145 8.48 -3.54 10.30
CA MET A 145 8.83 -4.92 9.98
C MET A 145 7.62 -5.85 10.04
N HIS A 146 7.40 -6.63 8.99
CA HIS A 146 6.37 -7.64 9.00
C HIS A 146 6.87 -8.91 9.67
N GLY A 147 5.94 -9.82 9.94
CA GLY A 147 6.24 -11.11 10.53
C GLY A 147 6.19 -12.23 9.52
N GLN A 148 5.91 -13.42 10.02
CA GLN A 148 5.79 -14.62 9.21
C GLN A 148 4.69 -15.51 9.76
N VAL A 149 3.62 -15.69 8.99
CA VAL A 149 2.51 -16.52 9.43
C VAL A 149 2.97 -17.96 9.61
N ASP A 150 2.38 -18.64 10.59
CA ASP A 150 2.70 -20.03 10.84
C ASP A 150 2.23 -20.90 9.68
N CYS A 151 3.17 -21.65 9.10
CA CYS A 151 2.93 -22.51 7.95
C CYS A 151 3.15 -23.95 8.37
N SER A 152 2.10 -24.56 8.91
CA SER A 152 2.08 -25.93 9.38
C SER A 152 1.05 -26.73 8.59
N PRO A 153 1.20 -28.05 8.45
CA PRO A 153 0.25 -28.80 7.62
C PRO A 153 -1.18 -28.77 8.14
N GLY A 154 -1.33 -28.74 9.46
CA GLY A 154 -2.64 -28.80 10.07
C GLY A 154 -3.38 -27.49 10.17
N ILE A 155 -2.90 -26.45 9.50
CA ILE A 155 -3.52 -25.13 9.55
C ILE A 155 -4.38 -24.96 8.31
N TRP A 156 -5.49 -24.24 8.46
CA TRP A 156 -6.41 -23.95 7.37
C TRP A 156 -6.98 -22.55 7.54
N GLN A 157 -6.58 -21.64 6.69
CA GLN A 157 -7.14 -20.30 6.73
C GLN A 157 -8.59 -20.33 6.26
N LEU A 158 -9.32 -19.29 6.64
CA LEU A 158 -10.76 -19.26 6.45
C LEU A 158 -11.23 -17.81 6.50
N ASP A 159 -11.97 -17.39 5.48
CA ASP A 159 -12.51 -16.04 5.48
C ASP A 159 -13.52 -15.91 4.36
N CYS A 160 -14.36 -14.89 4.47
CA CYS A 160 -15.40 -14.61 3.49
C CYS A 160 -14.99 -13.45 2.59
N THR A 161 -15.78 -13.23 1.56
CA THR A 161 -15.68 -12.04 0.73
C THR A 161 -17.01 -11.80 0.05
N HIS A 162 -17.02 -10.82 -0.84
CA HIS A 162 -18.25 -10.26 -1.38
C HIS A 162 -18.12 -10.07 -2.88
N LEU A 163 -19.19 -10.44 -3.59
CA LEU A 163 -19.20 -10.32 -5.05
C LEU A 163 -20.61 -10.48 -5.60
N GLU A 164 -21.04 -9.52 -6.42
CA GLU A 164 -22.35 -9.55 -7.06
C GLU A 164 -23.48 -9.71 -6.03
N GLY A 165 -23.32 -9.04 -4.89
CA GLY A 165 -24.29 -9.11 -3.82
C GLY A 165 -24.24 -10.38 -3.00
N LYS A 166 -23.43 -11.36 -3.39
CA LYS A 166 -23.34 -12.64 -2.72
C LYS A 166 -22.11 -12.65 -1.83
N VAL A 167 -22.16 -13.51 -0.82
CA VAL A 167 -21.09 -13.66 0.15
C VAL A 167 -20.45 -15.02 -0.03
N ILE A 168 -19.23 -15.03 -0.55
CA ILE A 168 -18.45 -16.24 -0.74
C ILE A 168 -17.76 -16.56 0.59
N LEU A 169 -17.57 -17.84 0.84
CA LEU A 169 -16.70 -18.32 1.90
C LEU A 169 -15.56 -19.07 1.23
N VAL A 170 -14.37 -18.94 1.81
CA VAL A 170 -13.14 -19.47 1.23
C VAL A 170 -12.36 -20.13 2.35
N ALA A 171 -12.02 -21.40 2.14
CA ALA A 171 -11.09 -22.13 2.97
C ALA A 171 -9.82 -22.37 2.18
N VAL A 172 -8.69 -22.34 2.87
CA VAL A 172 -7.39 -22.42 2.24
C VAL A 172 -6.49 -23.31 3.08
N HIS A 173 -5.57 -23.99 2.41
CA HIS A 173 -4.45 -24.64 3.06
C HIS A 173 -3.25 -23.72 2.93
N VAL A 174 -2.52 -23.54 4.03
CA VAL A 174 -1.46 -22.54 4.06
C VAL A 174 -0.31 -22.98 3.17
N ALA A 175 -0.02 -24.27 3.15
CA ALA A 175 1.18 -24.76 2.52
C ALA A 175 1.00 -24.91 1.02
N SER A 176 -0.06 -25.59 0.61
CA SER A 176 -0.25 -26.00 -0.77
C SER A 176 -0.96 -24.97 -1.64
N GLY A 177 -1.46 -23.90 -1.06
CA GLY A 177 -2.26 -22.96 -1.80
C GLY A 177 -3.60 -23.50 -2.25
N TYR A 178 -3.97 -24.69 -1.79
CA TYR A 178 -5.20 -25.33 -2.22
C TYR A 178 -6.39 -24.52 -1.73
N ILE A 179 -7.56 -24.74 -2.33
CA ILE A 179 -8.76 -23.99 -2.04
C ILE A 179 -9.90 -24.95 -1.79
N GLU A 180 -10.80 -24.56 -0.89
CA GLU A 180 -12.14 -25.13 -0.80
C GLU A 180 -13.06 -23.92 -0.65
N ALA A 181 -13.58 -23.46 -1.77
CA ALA A 181 -14.40 -22.27 -1.85
C ALA A 181 -15.84 -22.65 -2.13
N GLU A 182 -16.76 -21.85 -1.62
CA GLU A 182 -18.14 -22.03 -2.02
C GLU A 182 -18.90 -20.75 -1.76
N VAL A 183 -20.09 -20.69 -2.32
CA VAL A 183 -20.99 -19.58 -2.08
C VAL A 183 -21.76 -19.85 -0.79
N ILE A 184 -22.01 -18.80 -0.02
CA ILE A 184 -22.90 -18.85 1.13
C ILE A 184 -24.18 -18.12 0.73
N PRO A 185 -25.37 -18.71 0.93
CA PRO A 185 -26.58 -17.98 0.51
C PRO A 185 -26.85 -16.74 1.34
N ALA A 186 -26.51 -16.77 2.63
CA ALA A 186 -26.59 -15.59 3.48
C ALA A 186 -25.74 -15.90 4.71
N GLU A 187 -24.76 -15.04 4.99
CA GLU A 187 -23.74 -15.36 5.98
C GLU A 187 -24.31 -15.43 7.39
N THR A 188 -24.16 -16.60 8.00
CA THR A 188 -24.39 -16.77 9.43
C THR A 188 -23.50 -17.89 9.94
N GLY A 189 -23.46 -18.04 11.26
CA GLY A 189 -22.48 -18.93 11.87
C GLY A 189 -22.79 -20.40 11.64
N GLN A 190 -24.08 -20.74 11.61
CA GLN A 190 -24.47 -22.14 11.46
C GLN A 190 -23.99 -22.69 10.12
N GLU A 191 -24.20 -21.93 9.05
CA GLU A 191 -23.78 -22.38 7.72
C GLU A 191 -22.27 -22.56 7.67
N THR A 192 -21.53 -21.70 8.38
CA THR A 192 -20.09 -21.87 8.46
C THR A 192 -19.73 -23.14 9.19
N ALA A 193 -20.43 -23.45 10.28
CA ALA A 193 -20.12 -24.66 11.03
C ALA A 193 -20.38 -25.89 10.17
N TYR A 194 -21.47 -25.87 9.40
CA TYR A 194 -21.70 -26.93 8.43
C TYR A 194 -20.57 -27.01 7.41
N PHE A 195 -20.00 -25.86 7.04
CA PHE A 195 -18.92 -25.88 6.06
C PHE A 195 -17.65 -26.48 6.65
N LEU A 196 -17.37 -26.20 7.92
CA LEU A 196 -16.18 -26.76 8.54
C LEU A 196 -16.36 -28.26 8.74
N LEU A 197 -17.59 -28.69 9.00
CA LEU A 197 -17.88 -30.10 9.02
C LEU A 197 -17.65 -30.72 7.64
N LYS A 198 -18.02 -29.97 6.58
CA LYS A 198 -17.74 -30.42 5.23
C LYS A 198 -16.26 -30.50 4.94
N LEU A 199 -15.47 -29.60 5.52
CA LEU A 199 -14.04 -29.55 5.23
C LEU A 199 -13.27 -30.54 6.09
N ALA A 200 -13.87 -30.98 7.20
CA ALA A 200 -13.23 -31.99 8.04
C ALA A 200 -13.49 -33.38 7.49
N GLY A 201 -14.65 -33.57 6.88
CA GLY A 201 -14.98 -34.85 6.30
C GLY A 201 -14.31 -35.16 4.99
N ARG A 202 -13.49 -34.25 4.48
CA ARG A 202 -12.79 -34.45 3.21
C ARG A 202 -11.29 -34.28 3.37
N TRP A 203 -10.89 -33.38 4.27
CA TRP A 203 -9.50 -33.01 4.43
C TRP A 203 -9.10 -33.09 5.90
N PRO A 204 -7.90 -33.63 6.24
CA PRO A 204 -7.48 -33.62 7.64
C PRO A 204 -7.26 -32.22 8.16
N VAL A 205 -8.09 -31.81 9.10
CA VAL A 205 -7.97 -30.52 9.76
C VAL A 205 -7.49 -30.76 11.17
N LYS A 206 -6.62 -29.89 11.65
CA LYS A 206 -6.14 -29.89 13.02
C LYS A 206 -6.43 -28.58 13.74
N THR A 207 -6.30 -27.46 13.03
CA THR A 207 -6.58 -26.16 13.62
C THR A 207 -6.86 -25.15 12.51
N VAL A 208 -7.62 -24.12 12.87
CA VAL A 208 -8.11 -23.11 11.93
C VAL A 208 -7.64 -21.75 12.40
N HIS A 209 -7.06 -20.98 11.47
CA HIS A 209 -6.55 -19.64 11.74
C HIS A 209 -7.33 -18.65 10.89
N THR A 210 -8.24 -17.93 11.53
CA THR A 210 -9.01 -16.87 10.90
C THR A 210 -9.19 -15.72 11.87
N ASP A 211 -10.03 -14.77 11.51
CA ASP A 211 -10.15 -13.50 12.20
C ASP A 211 -11.30 -13.54 13.19
N ASN A 212 -11.44 -12.44 13.95
CA ASN A 212 -12.43 -12.34 15.01
C ASN A 212 -13.78 -11.87 14.51
N GLY A 213 -14.08 -12.16 13.25
CA GLY A 213 -15.32 -11.75 12.64
C GLY A 213 -16.51 -12.14 13.48
N SER A 214 -17.84 -11.77 13.30
CA SER A 214 -18.99 -12.26 14.04
C SER A 214 -19.06 -13.78 14.09
N ASN A 215 -19.20 -14.40 12.91
CA ASN A 215 -19.48 -15.82 12.83
C ASN A 215 -18.52 -16.64 13.66
N PHE A 216 -17.23 -16.48 13.41
CA PHE A 216 -16.27 -17.50 13.79
C PHE A 216 -16.06 -17.54 15.29
N THR A 217 -16.68 -16.60 16.02
CA THR A 217 -16.73 -16.64 17.46
C THR A 217 -18.03 -17.24 17.99
N SER A 218 -18.93 -17.58 17.13
CA SER A 218 -20.14 -18.10 17.75
C SER A 218 -19.87 -19.44 18.44
N THR A 219 -20.86 -19.89 19.20
CA THR A 219 -20.75 -21.14 19.91
C THR A 219 -20.92 -22.34 19.00
N THR A 220 -21.68 -22.19 17.92
CA THR A 220 -21.92 -23.28 17.00
C THR A 220 -20.63 -23.78 16.40
N VAL A 221 -19.79 -22.85 15.94
CA VAL A 221 -18.49 -23.21 15.38
C VAL A 221 -17.66 -23.91 16.43
N LYS A 222 -17.74 -23.42 17.68
CA LYS A 222 -16.95 -24.00 18.77
C LYS A 222 -17.35 -25.45 18.99
N ALA A 223 -18.66 -25.73 19.02
CA ALA A 223 -19.10 -27.11 19.19
C ALA A 223 -18.65 -27.96 18.01
N ALA A 224 -18.61 -27.38 16.82
CA ALA A 224 -18.23 -28.15 15.64
C ALA A 224 -16.76 -28.57 15.70
N CYS A 225 -15.87 -27.58 15.82
CA CYS A 225 -14.44 -27.89 15.90
C CYS A 225 -14.13 -28.67 17.18
N TRP A 226 -15.00 -28.55 18.19
CA TRP A 226 -14.88 -29.39 19.38
C TRP A 226 -15.13 -30.84 19.03
N TRP A 227 -16.21 -31.12 18.30
CA TRP A 227 -16.51 -32.50 17.94
C TRP A 227 -15.44 -33.08 17.03
N ALA A 228 -14.88 -32.26 16.14
CA ALA A 228 -13.95 -32.75 15.13
C ALA A 228 -12.49 -32.72 15.57
N GLY A 229 -12.21 -32.41 16.82
CA GLY A 229 -10.83 -32.38 17.27
C GLY A 229 -10.02 -31.28 16.62
N ILE A 230 -10.67 -30.20 16.23
CA ILE A 230 -10.02 -29.09 15.52
C ILE A 230 -9.86 -27.95 16.51
N LYS A 231 -8.68 -27.32 16.52
CA LYS A 231 -8.42 -26.23 17.44
C LYS A 231 -8.71 -24.89 16.76
N GLN A 232 -9.54 -24.09 17.42
CA GLN A 232 -9.98 -22.81 16.90
C GLN A 232 -8.99 -21.75 17.35
N GLU A 233 -8.24 -21.18 16.41
CA GLU A 233 -7.33 -20.10 16.66
C GLU A 233 -7.86 -18.82 16.05
N PHE A 234 -7.50 -17.70 16.67
CA PHE A 234 -7.85 -16.37 16.22
C PHE A 234 -6.58 -15.54 16.06
N GLY A 235 -6.76 -14.32 15.58
CA GLY A 235 -5.67 -13.38 15.38
C GLY A 235 -6.00 -12.00 15.89
N ILE A 236 -5.26 -10.99 15.45
CA ILE A 236 -5.59 -9.62 15.85
C ILE A 236 -6.83 -9.18 15.10
N PRO A 237 -7.72 -8.37 15.67
CA PRO A 237 -8.82 -7.83 14.88
C PRO A 237 -8.39 -6.97 13.70
N TYR A 238 -7.72 -5.85 13.96
CA TYR A 238 -7.37 -4.89 12.92
C TYR A 238 -5.90 -5.11 12.52
N ASN A 239 -5.66 -6.29 11.99
CA ASN A 239 -4.43 -6.60 11.29
C ASN A 239 -4.73 -7.69 10.27
N PRO A 240 -5.43 -7.36 9.18
CA PRO A 240 -5.76 -8.37 8.18
C PRO A 240 -4.57 -9.14 7.63
N GLN A 241 -3.39 -8.52 7.63
CA GLN A 241 -2.21 -9.22 7.13
C GLN A 241 -1.88 -10.47 7.94
N SER A 242 -2.41 -10.60 9.15
CA SER A 242 -2.18 -11.83 9.90
C SER A 242 -2.82 -13.04 9.22
N GLN A 243 -3.89 -12.83 8.47
CA GLN A 243 -4.50 -13.87 7.65
C GLN A 243 -3.99 -13.83 6.23
N GLY A 244 -2.95 -13.02 5.96
CA GLY A 244 -2.63 -12.50 4.65
C GLY A 244 -2.78 -13.45 3.48
N VAL A 245 -2.37 -14.70 3.72
CA VAL A 245 -2.45 -15.76 2.71
C VAL A 245 -3.81 -15.75 2.04
N ILE A 246 -4.86 -15.97 2.83
CA ILE A 246 -6.20 -16.11 2.28
C ILE A 246 -6.62 -14.86 1.54
N GLN A 247 -6.18 -13.68 2.01
CA GLN A 247 -6.59 -12.45 1.36
C GLN A 247 -6.12 -12.45 -0.07
N SER A 248 -4.87 -12.86 -0.29
CA SER A 248 -4.33 -12.88 -1.63
C SER A 248 -5.13 -13.83 -2.51
N MET A 249 -5.59 -14.95 -1.93
CA MET A 249 -6.35 -15.90 -2.71
C MET A 249 -7.59 -15.25 -3.31
N ASN A 250 -8.28 -14.43 -2.52
CA ASN A 250 -9.47 -13.76 -3.01
C ASN A 250 -9.17 -13.01 -4.30
N LYS A 251 -8.06 -12.27 -4.30
CA LYS A 251 -7.62 -11.56 -5.51
C LYS A 251 -7.58 -12.50 -6.69
N GLU A 252 -6.76 -13.55 -6.59
CA GLU A 252 -6.64 -14.48 -7.69
C GLU A 252 -7.97 -15.14 -8.00
N LEU A 253 -8.74 -15.47 -6.97
CA LEU A 253 -10.04 -16.07 -7.22
C LEU A 253 -10.90 -15.11 -8.03
N LYS A 254 -10.96 -13.86 -7.58
CA LYS A 254 -11.73 -12.88 -8.34
C LYS A 254 -11.13 -12.69 -9.72
N LYS A 255 -9.80 -12.73 -9.81
CA LYS A 255 -9.15 -12.58 -11.10
C LYS A 255 -9.62 -13.67 -12.05
N ILE A 256 -9.72 -14.89 -11.55
CA ILE A 256 -10.11 -15.98 -12.43
C ILE A 256 -11.58 -15.84 -12.79
N ILE A 257 -12.38 -15.24 -11.91
CA ILE A 257 -13.77 -15.01 -12.24
C ILE A 257 -13.89 -13.94 -13.31
N GLY A 258 -12.88 -13.10 -13.44
CA GLY A 258 -12.87 -12.15 -14.54
C GLY A 258 -12.73 -12.85 -15.88
N GLN A 259 -12.17 -14.06 -15.88
CA GLN A 259 -11.85 -14.73 -17.13
C GLN A 259 -12.97 -15.63 -17.61
N VAL A 260 -13.76 -16.18 -16.68
CA VAL A 260 -14.68 -17.26 -16.98
C VAL A 260 -16.09 -16.98 -16.45
N ARG A 261 -16.48 -15.71 -16.34
CA ARG A 261 -17.84 -15.43 -15.90
C ARG A 261 -18.84 -15.59 -17.04
N ASP A 262 -18.38 -15.49 -18.29
CA ASP A 262 -19.24 -15.70 -19.45
C ASP A 262 -19.52 -17.17 -19.74
N GLN A 263 -19.00 -18.08 -18.91
CA GLN A 263 -19.23 -19.51 -19.05
C GLN A 263 -20.23 -20.02 -18.02
N ALA A 264 -21.27 -19.26 -17.71
CA ALA A 264 -22.24 -19.68 -16.71
C ALA A 264 -23.47 -18.79 -16.73
N GLU A 265 -24.57 -19.35 -16.22
CA GLU A 265 -25.77 -18.60 -15.89
C GLU A 265 -25.90 -18.34 -14.40
N HIS A 266 -24.97 -18.85 -13.58
CA HIS A 266 -25.01 -18.69 -12.14
C HIS A 266 -23.60 -18.48 -11.61
N LEU A 267 -23.51 -18.00 -10.38
CA LEU A 267 -22.23 -17.63 -9.80
C LEU A 267 -21.48 -18.85 -9.28
N LYS A 268 -22.13 -19.63 -8.41
CA LYS A 268 -21.51 -20.75 -7.73
C LYS A 268 -20.79 -21.68 -8.69
N THR A 269 -21.37 -21.87 -9.87
CA THR A 269 -20.72 -22.64 -10.91
C THR A 269 -19.36 -22.08 -11.23
N ALA A 270 -19.32 -20.80 -11.61
CA ALA A 270 -18.06 -20.18 -11.99
C ALA A 270 -17.08 -20.16 -10.82
N VAL A 271 -17.59 -20.11 -9.60
CA VAL A 271 -16.72 -20.20 -8.44
C VAL A 271 -15.99 -21.52 -8.45
N GLN A 272 -16.73 -22.63 -8.45
CA GLN A 272 -16.09 -23.94 -8.42
C GLN A 272 -15.23 -24.18 -9.67
N MET A 273 -15.58 -23.56 -10.79
CA MET A 273 -14.74 -23.62 -11.99
C MET A 273 -13.39 -22.98 -11.71
N ALA A 274 -13.40 -21.80 -11.10
CA ALA A 274 -12.16 -21.14 -10.71
C ALA A 274 -11.37 -22.00 -9.74
N VAL A 275 -12.06 -22.70 -8.84
CA VAL A 275 -11.40 -23.60 -7.91
C VAL A 275 -10.66 -24.70 -8.67
N PHE A 276 -11.35 -25.29 -9.67
CA PHE A 276 -10.72 -26.31 -10.51
C PHE A 276 -9.46 -25.76 -11.16
N ILE A 277 -9.57 -24.57 -11.74
CA ILE A 277 -8.46 -23.99 -12.49
C ILE A 277 -7.26 -23.78 -11.57
N HIS A 278 -7.51 -23.14 -10.42
CA HIS A 278 -6.40 -22.76 -9.57
C HIS A 278 -5.76 -23.98 -8.91
N ASN A 279 -6.57 -24.97 -8.55
CA ASN A 279 -6.03 -26.08 -7.77
C ASN A 279 -5.33 -27.11 -8.64
N PHE A 280 -5.86 -27.38 -9.85
CA PHE A 280 -5.33 -28.46 -10.68
C PHE A 280 -4.67 -28.00 -11.98
N LYS A 281 -5.11 -26.89 -12.57
CA LYS A 281 -4.68 -26.53 -13.91
C LYS A 281 -3.60 -25.45 -13.94
N ARG A 282 -3.45 -24.67 -12.87
CA ARG A 282 -2.37 -23.69 -12.75
C ARG A 282 -1.24 -24.29 -11.94
N LYS A 283 0.00 -23.91 -12.28
CA LYS A 283 1.18 -24.50 -11.68
C LYS A 283 2.25 -23.44 -11.51
N GLY A 284 3.09 -23.63 -10.49
CA GLY A 284 4.19 -22.73 -10.20
C GLY A 284 4.68 -22.87 -8.77
N GLY A 285 5.26 -21.79 -8.25
CA GLY A 285 5.57 -21.74 -6.83
C GLY A 285 6.64 -22.68 -6.36
N ILE A 286 6.22 -23.76 -5.72
CA ILE A 286 7.15 -24.68 -5.07
C ILE A 286 8.09 -25.29 -6.10
N GLY A 287 7.58 -26.17 -6.96
CA GLY A 287 8.36 -26.77 -8.01
C GLY A 287 7.60 -26.88 -9.31
N GLY A 288 6.51 -26.13 -9.43
CA GLY A 288 5.71 -26.15 -10.64
C GLY A 288 4.56 -27.11 -10.50
N TYR A 289 4.02 -27.21 -9.30
CA TYR A 289 2.92 -28.10 -8.97
C TYR A 289 1.62 -27.32 -8.93
N SER A 290 0.54 -28.04 -9.17
CA SER A 290 -0.81 -27.55 -8.91
C SER A 290 -1.23 -28.02 -7.53
N ALA A 291 -2.18 -27.30 -6.94
CA ALA A 291 -2.36 -27.34 -5.50
C ALA A 291 -2.77 -28.72 -5.00
N GLY A 292 -3.30 -29.56 -5.89
CA GLY A 292 -3.61 -30.92 -5.49
C GLY A 292 -2.35 -31.75 -5.34
N GLU A 293 -1.36 -31.48 -6.18
CA GLU A 293 -0.09 -32.20 -6.09
C GLU A 293 0.64 -31.83 -4.81
N ARG A 294 0.69 -30.54 -4.49
CA ARG A 294 1.32 -30.10 -3.25
C ARG A 294 0.56 -30.59 -2.04
N ILE A 295 -0.76 -30.37 -1.99
CA ILE A 295 -1.54 -30.73 -0.80
C ILE A 295 -1.50 -32.23 -0.56
N VAL A 296 -1.39 -33.04 -1.62
CA VAL A 296 -1.27 -34.47 -1.42
C VAL A 296 0.16 -34.83 -1.04
N ASP A 297 1.15 -34.08 -1.53
CA ASP A 297 2.53 -34.38 -1.19
C ASP A 297 2.79 -34.13 0.29
N ILE A 298 2.28 -33.02 0.82
CA ILE A 298 2.45 -32.76 2.25
C ILE A 298 1.76 -33.85 3.04
N ILE A 299 0.46 -34.02 2.80
CA ILE A 299 -0.34 -34.95 3.57
C ILE A 299 -0.07 -36.34 3.04
N PHE A 318 9.54 -0.96 31.11
CA PHE A 318 9.34 -0.48 29.76
C PHE A 318 8.15 0.47 29.67
N ARG A 319 8.14 1.26 28.60
CA ARG A 319 6.98 2.09 28.24
C ARG A 319 6.70 1.82 26.76
N VAL A 320 5.55 1.23 26.47
CA VAL A 320 5.22 0.77 25.13
C VAL A 320 4.03 1.57 24.60
N TYR A 321 4.23 2.23 23.47
CA TYR A 321 3.19 3.00 22.81
C TYR A 321 2.65 2.20 21.65
N TYR A 322 1.36 2.33 21.38
CA TYR A 322 0.68 1.48 20.42
C TYR A 322 -0.60 2.18 19.97
N ARG A 323 -1.20 1.63 18.91
CA ARG A 323 -2.51 2.07 18.48
C ARG A 323 -3.34 0.88 18.06
N ASP A 324 -4.65 1.08 18.03
CA ASP A 324 -5.60 0.08 17.59
C ASP A 324 -6.86 0.80 17.16
N SER A 325 -7.93 0.03 16.97
CA SER A 325 -9.30 0.54 16.90
C SER A 325 -9.47 1.54 15.75
N ARG A 326 -8.60 1.44 14.74
CA ARG A 326 -8.53 2.42 13.65
C ARG A 326 -8.26 3.83 14.16
N ASP A 327 -7.59 3.93 15.31
CA ASP A 327 -7.39 5.20 15.99
C ASP A 327 -5.94 5.61 15.78
N PRO A 328 -5.64 6.62 14.94
CA PRO A 328 -4.24 7.02 14.77
C PRO A 328 -3.63 7.72 15.97
N VAL A 329 -4.40 7.97 17.03
CA VAL A 329 -3.85 8.50 18.27
C VAL A 329 -3.09 7.38 18.96
N TRP A 330 -1.76 7.40 18.84
CA TRP A 330 -0.94 6.42 19.54
C TRP A 330 -1.14 6.55 21.03
N LYS A 331 -1.04 5.42 21.73
CA LYS A 331 -1.47 5.32 23.11
C LYS A 331 -0.34 5.61 24.07
N GLY A 332 -0.72 6.00 25.28
CA GLY A 332 0.24 6.36 26.29
C GLY A 332 1.04 5.17 26.76
N PRO A 333 1.94 5.42 27.71
CA PRO A 333 2.81 4.35 28.20
C PRO A 333 2.00 3.18 28.76
N ALA A 334 2.46 1.98 28.46
CA ALA A 334 1.86 0.76 28.97
C ALA A 334 2.94 -0.26 29.24
N LYS A 335 2.60 -1.21 30.08
CA LYS A 335 3.57 -2.13 30.67
C LYS A 335 3.70 -3.39 29.84
N LEU A 336 4.85 -3.55 29.17
CA LEU A 336 5.09 -4.73 28.35
C LEU A 336 5.04 -5.97 29.21
N LEU A 337 4.19 -6.92 28.83
CA LEU A 337 4.15 -8.23 29.45
C LEU A 337 4.99 -9.26 28.71
N TRP A 338 4.91 -9.30 27.38
CA TRP A 338 5.56 -10.38 26.64
C TRP A 338 6.03 -9.90 25.28
N LYS A 339 7.17 -10.44 24.84
CA LYS A 339 7.77 -10.18 23.54
C LYS A 339 8.01 -11.52 22.86
N GLY A 340 7.51 -11.66 21.65
CA GLY A 340 7.76 -12.80 20.80
C GLY A 340 8.50 -12.41 19.53
N GLU A 341 8.04 -12.95 18.41
CA GLU A 341 8.53 -12.59 17.08
C GLU A 341 7.35 -12.18 16.22
N GLY A 342 7.00 -10.88 16.23
CA GLY A 342 5.96 -10.33 15.39
C GLY A 342 4.91 -9.55 16.15
N ALA A 343 4.51 -10.02 17.33
CA ALA A 343 3.59 -9.28 18.16
C ALA A 343 4.03 -9.38 19.61
N VAL A 344 3.34 -8.62 20.45
CA VAL A 344 3.71 -8.46 21.86
C VAL A 344 2.42 -8.38 22.66
N VAL A 345 2.54 -8.52 23.97
CA VAL A 345 1.41 -8.42 24.88
C VAL A 345 1.75 -7.40 25.95
N ILE A 346 0.75 -6.64 26.36
CA ILE A 346 0.94 -5.41 27.11
C ILE A 346 -0.19 -5.25 28.13
N GLN A 347 -0.05 -4.22 28.96
CA GLN A 347 -0.96 -3.92 30.05
C GLN A 347 -0.98 -2.41 30.25
N ASP A 348 -2.18 -1.83 30.15
CA ASP A 348 -2.42 -0.41 30.45
C ASP A 348 -3.58 -0.37 31.44
N ASN A 349 -3.23 -0.34 32.73
CA ASN A 349 -4.20 -0.32 33.83
C ASN A 349 -5.07 -1.57 33.79
N SER A 350 -4.40 -2.72 33.90
CA SER A 350 -5.05 -4.03 33.84
C SER A 350 -5.80 -4.22 32.53
N ASP A 351 -5.28 -3.67 31.43
CA ASP A 351 -5.86 -3.85 30.10
C ASP A 351 -4.91 -4.77 29.35
N ILE A 352 -5.08 -6.08 29.53
CA ILE A 352 -4.18 -7.06 28.94
C ILE A 352 -4.57 -7.19 27.47
N LYS A 353 -3.60 -6.94 26.57
CA LYS A 353 -3.94 -6.97 25.15
C LYS A 353 -2.71 -7.25 24.31
N VAL A 354 -2.96 -7.74 23.10
CA VAL A 354 -1.91 -8.07 22.14
C VAL A 354 -1.83 -6.90 21.19
N VAL A 355 -0.64 -6.67 20.64
CA VAL A 355 -0.45 -5.66 19.60
C VAL A 355 0.60 -6.17 18.63
N PRO A 356 0.43 -6.01 17.31
CA PRO A 356 1.52 -6.34 16.40
C PRO A 356 2.59 -5.27 16.39
N ARG A 357 3.82 -5.70 16.10
CA ARG A 357 4.97 -4.83 16.32
C ARG A 357 5.00 -3.65 15.36
N ARG A 358 4.45 -3.79 14.16
CA ARG A 358 4.37 -2.65 13.24
C ARG A 358 3.58 -1.49 13.82
N LYS A 359 2.61 -1.79 14.69
CA LYS A 359 1.74 -0.78 15.28
C LYS A 359 2.18 -0.39 16.69
N ALA A 360 3.41 -0.76 17.08
CA ALA A 360 3.88 -0.50 18.44
C ALA A 360 5.34 -0.09 18.44
N LYS A 361 5.72 0.53 19.54
CA LYS A 361 7.08 0.99 19.84
C LYS A 361 7.40 0.67 21.31
N ILE A 362 8.64 0.26 21.60
CA ILE A 362 9.04 -0.06 22.96
C ILE A 362 10.07 0.96 23.42
N ILE A 363 9.98 1.34 24.70
CA ILE A 363 10.95 2.22 25.36
C ILE A 363 11.58 1.42 26.48
N ARG A 364 12.85 1.06 26.31
CA ARG A 364 13.52 0.09 27.17
C ARG A 364 13.63 0.55 28.62
N CYS B 151 -5.42 -51.00 -10.79
CA CYS B 151 -6.60 -50.16 -10.70
C CYS B 151 -6.22 -48.69 -10.87
N SER B 152 -7.16 -47.89 -11.37
CA SER B 152 -6.85 -46.51 -11.75
C SER B 152 -7.26 -45.55 -10.64
N PRO B 153 -6.58 -44.41 -10.47
CA PRO B 153 -6.93 -43.49 -9.38
C PRO B 153 -8.14 -42.61 -9.67
N GLY B 154 -8.32 -42.18 -10.93
CA GLY B 154 -9.39 -41.30 -11.32
C GLY B 154 -10.71 -41.97 -11.57
N ILE B 155 -11.08 -42.95 -10.75
CA ILE B 155 -12.31 -43.71 -10.93
C ILE B 155 -13.23 -43.35 -9.78
N TRP B 156 -14.43 -42.87 -10.11
CA TRP B 156 -15.43 -42.52 -9.12
C TRP B 156 -16.75 -43.20 -9.45
N GLN B 157 -17.33 -43.87 -8.47
CA GLN B 157 -18.63 -44.49 -8.61
C GLN B 157 -19.67 -43.60 -7.94
N LEU B 158 -20.77 -43.36 -8.65
CA LEU B 158 -21.81 -42.46 -8.17
C LEU B 158 -23.00 -43.26 -7.69
N ASP B 159 -23.77 -42.68 -6.79
CA ASP B 159 -24.99 -43.31 -6.30
C ASP B 159 -25.80 -42.25 -5.56
N CYS B 160 -27.06 -42.57 -5.28
CA CYS B 160 -27.90 -41.69 -4.48
C CYS B 160 -28.93 -42.49 -3.71
N THR B 161 -29.26 -41.97 -2.53
CA THR B 161 -30.30 -42.53 -1.68
C THR B 161 -31.25 -41.40 -1.30
N HIS B 162 -32.24 -41.73 -0.46
CA HIS B 162 -33.38 -40.84 -0.20
C HIS B 162 -33.73 -40.82 1.29
N LEU B 163 -32.71 -40.67 2.14
CA LEU B 163 -32.94 -40.75 3.58
C LEU B 163 -33.81 -39.60 4.07
N GLU B 164 -34.77 -39.95 4.94
CA GLU B 164 -35.76 -39.00 5.47
C GLU B 164 -36.61 -38.38 4.35
N GLY B 165 -36.78 -39.11 3.25
CA GLY B 165 -37.42 -38.52 2.10
C GLY B 165 -36.61 -37.44 1.41
N LYS B 166 -35.35 -37.26 1.80
CA LYS B 166 -34.46 -36.26 1.25
C LYS B 166 -33.36 -36.96 0.47
N VAL B 167 -33.02 -36.38 -0.68
CA VAL B 167 -32.02 -36.96 -1.57
C VAL B 167 -30.64 -36.76 -0.95
N ILE B 168 -29.77 -37.75 -1.12
CA ILE B 168 -28.36 -37.66 -0.76
C ILE B 168 -27.57 -38.29 -1.91
N LEU B 169 -26.57 -37.56 -2.40
CA LEU B 169 -25.79 -37.96 -3.56
C LEU B 169 -24.36 -38.22 -3.11
N VAL B 170 -23.82 -39.37 -3.51
CA VAL B 170 -22.56 -39.89 -2.99
C VAL B 170 -21.66 -40.30 -4.13
N ALA B 171 -20.40 -39.92 -4.03
CA ALA B 171 -19.34 -40.41 -4.89
C ALA B 171 -18.35 -41.21 -4.04
N VAL B 172 -17.80 -42.25 -4.65
CA VAL B 172 -16.93 -43.20 -3.96
C VAL B 172 -15.72 -43.46 -4.83
N HIS B 173 -14.55 -43.19 -4.28
CA HIS B 173 -13.31 -43.61 -4.90
C HIS B 173 -13.24 -45.11 -4.74
N VAL B 174 -13.32 -45.81 -5.88
CA VAL B 174 -13.38 -47.25 -5.91
C VAL B 174 -12.12 -47.86 -5.33
N ALA B 175 -10.96 -47.47 -5.85
CA ALA B 175 -9.70 -48.10 -5.48
C ALA B 175 -9.24 -47.74 -4.07
N SER B 176 -10.00 -46.91 -3.35
CA SER B 176 -9.76 -46.67 -1.93
C SER B 176 -11.02 -46.73 -1.09
N GLY B 177 -12.20 -46.80 -1.70
CA GLY B 177 -13.44 -46.74 -0.95
C GLY B 177 -13.66 -45.42 -0.26
N TYR B 178 -13.15 -44.33 -0.82
CA TYR B 178 -13.20 -43.02 -0.16
C TYR B 178 -14.46 -42.27 -0.57
N ILE B 179 -15.22 -41.81 0.41
CA ILE B 179 -16.63 -41.48 0.21
C ILE B 179 -16.84 -40.01 0.51
N GLU B 180 -17.53 -39.33 -0.40
CA GLU B 180 -18.07 -37.99 -0.14
C GLU B 180 -19.53 -37.99 -0.52
N ALA B 181 -20.38 -37.68 0.47
CA ALA B 181 -21.82 -37.67 0.32
C ALA B 181 -22.34 -36.31 0.71
N GLU B 182 -23.23 -35.77 -0.12
CA GLU B 182 -23.76 -34.44 0.08
C GLU B 182 -25.26 -34.42 -0.17
N VAL B 183 -25.96 -33.63 0.64
CA VAL B 183 -27.39 -33.47 0.47
C VAL B 183 -27.64 -32.67 -0.80
N ILE B 184 -28.31 -33.31 -1.76
CA ILE B 184 -28.83 -32.64 -2.95
C ILE B 184 -30.27 -32.26 -2.65
N PRO B 185 -30.67 -31.00 -2.82
CA PRO B 185 -32.08 -30.66 -2.54
C PRO B 185 -33.06 -31.31 -3.49
N ALA B 186 -32.72 -31.46 -4.77
CA ALA B 186 -33.68 -31.91 -5.77
C ALA B 186 -32.99 -32.75 -6.83
N GLU B 187 -33.68 -33.80 -7.28
CA GLU B 187 -33.19 -34.66 -8.35
C GLU B 187 -33.20 -33.87 -9.66
N THR B 188 -31.99 -33.51 -10.10
CA THR B 188 -31.82 -32.86 -11.40
C THR B 188 -30.35 -32.84 -11.79
N GLY B 189 -30.10 -32.58 -13.06
CA GLY B 189 -28.74 -32.41 -13.56
C GLY B 189 -28.06 -31.16 -13.08
N GLN B 190 -28.81 -30.20 -12.54
CA GLN B 190 -28.22 -28.95 -12.08
C GLN B 190 -27.34 -29.18 -10.86
N GLU B 191 -27.94 -29.65 -9.77
CA GLU B 191 -27.17 -29.91 -8.55
C GLU B 191 -26.23 -31.07 -8.75
N THR B 192 -26.56 -31.99 -9.65
CA THR B 192 -25.64 -33.07 -9.99
C THR B 192 -24.36 -32.50 -10.59
N ALA B 193 -24.50 -31.74 -11.68
CA ALA B 193 -23.33 -31.17 -12.32
C ALA B 193 -22.61 -30.22 -11.37
N TYR B 194 -23.34 -29.60 -10.45
CA TYR B 194 -22.69 -28.84 -9.38
C TYR B 194 -21.83 -29.74 -8.53
N PHE B 195 -22.29 -30.98 -8.32
CA PHE B 195 -21.56 -31.90 -7.44
C PHE B 195 -20.31 -32.43 -8.13
N LEU B 196 -20.45 -32.87 -9.37
CA LEU B 196 -19.30 -33.36 -10.12
C LEU B 196 -18.34 -32.23 -10.43
N LEU B 197 -18.86 -31.00 -10.48
CA LEU B 197 -17.99 -29.84 -10.66
C LEU B 197 -17.19 -29.58 -9.39
N LYS B 198 -17.80 -29.80 -8.23
CA LYS B 198 -17.06 -29.71 -6.98
C LYS B 198 -15.99 -30.79 -6.90
N LEU B 199 -16.37 -32.05 -7.06
CA LEU B 199 -15.40 -33.14 -7.05
C LEU B 199 -14.32 -32.95 -8.10
N ALA B 200 -14.68 -32.33 -9.23
CA ALA B 200 -13.71 -32.10 -10.28
C ALA B 200 -12.58 -31.21 -9.80
N GLY B 201 -12.92 -30.17 -9.06
CA GLY B 201 -11.94 -29.29 -8.45
C GLY B 201 -11.52 -29.66 -7.06
N ARG B 202 -12.13 -30.69 -6.47
CA ARG B 202 -11.72 -31.22 -5.18
C ARG B 202 -10.85 -32.46 -5.30
N TRP B 203 -11.01 -33.24 -6.36
CA TRP B 203 -10.14 -34.37 -6.64
C TRP B 203 -9.98 -34.55 -8.14
N PRO B 204 -8.87 -35.20 -8.59
CA PRO B 204 -8.65 -35.34 -10.04
C PRO B 204 -9.51 -36.42 -10.66
N VAL B 205 -10.73 -36.07 -11.02
CA VAL B 205 -11.62 -37.00 -11.69
C VAL B 205 -11.11 -37.25 -13.10
N LYS B 206 -11.28 -38.48 -13.59
CA LYS B 206 -11.14 -38.81 -15.00
C LYS B 206 -12.35 -39.60 -15.51
N THR B 207 -13.04 -40.34 -14.63
CA THR B 207 -14.11 -41.22 -15.03
C THR B 207 -15.13 -41.33 -13.90
N VAL B 208 -16.40 -41.23 -14.28
CA VAL B 208 -17.51 -41.47 -13.37
C VAL B 208 -18.33 -42.63 -13.93
N HIS B 209 -18.62 -43.58 -13.05
CA HIS B 209 -19.44 -44.74 -13.36
C HIS B 209 -20.79 -44.56 -12.68
N THR B 210 -21.85 -44.69 -13.46
CA THR B 210 -23.18 -44.28 -13.05
C THR B 210 -24.20 -44.96 -13.95
N ASP B 211 -25.47 -44.64 -13.72
CA ASP B 211 -26.60 -45.31 -14.35
C ASP B 211 -27.41 -44.31 -15.19
N ASN B 212 -28.56 -44.76 -15.69
CA ASN B 212 -29.38 -44.02 -16.64
C ASN B 212 -30.41 -43.13 -15.97
N GLY B 213 -30.17 -42.69 -14.74
CA GLY B 213 -31.07 -41.76 -14.08
C GLY B 213 -31.18 -40.45 -14.85
N SER B 214 -32.33 -39.79 -14.68
CA SER B 214 -32.59 -38.56 -15.42
C SER B 214 -31.73 -37.42 -14.91
N ASN B 215 -31.41 -37.39 -13.62
CA ASN B 215 -30.48 -36.40 -13.08
C ASN B 215 -29.04 -36.62 -13.53
N PHE B 216 -28.75 -37.73 -14.22
CA PHE B 216 -27.42 -38.04 -14.72
C PHE B 216 -27.33 -37.95 -16.23
N THR B 217 -28.37 -38.34 -16.97
CA THR B 217 -28.39 -38.19 -18.41
C THR B 217 -28.68 -36.76 -18.86
N SER B 218 -28.97 -35.86 -17.92
CA SER B 218 -29.16 -34.45 -18.25
C SER B 218 -27.92 -33.90 -18.95
N THR B 219 -28.14 -33.27 -20.10
CA THR B 219 -27.07 -32.74 -20.92
C THR B 219 -26.24 -31.68 -20.21
N THR B 220 -26.77 -31.07 -19.16
CA THR B 220 -25.96 -30.18 -18.33
C THR B 220 -24.80 -30.96 -17.72
N VAL B 221 -25.04 -32.23 -17.39
CA VAL B 221 -23.97 -33.08 -16.90
C VAL B 221 -22.91 -33.25 -17.99
N LYS B 222 -23.35 -33.52 -19.21
CA LYS B 222 -22.41 -33.75 -20.29
C LYS B 222 -21.63 -32.50 -20.65
N ALA B 223 -22.24 -31.33 -20.46
CA ALA B 223 -21.56 -30.09 -20.80
C ALA B 223 -20.56 -29.71 -19.71
N ALA B 224 -20.99 -29.68 -18.45
CA ALA B 224 -20.08 -29.42 -17.36
C ALA B 224 -18.96 -30.45 -17.32
N CYS B 225 -19.24 -31.69 -17.72
CA CYS B 225 -18.21 -32.72 -17.74
C CYS B 225 -17.32 -32.61 -18.96
N TRP B 226 -17.89 -32.18 -20.10
CA TRP B 226 -17.07 -31.89 -21.27
C TRP B 226 -16.07 -30.78 -20.95
N TRP B 227 -16.55 -29.72 -20.32
CA TRP B 227 -15.65 -28.67 -19.83
C TRP B 227 -14.62 -29.25 -18.86
N ALA B 228 -15.07 -30.10 -17.94
CA ALA B 228 -14.17 -30.66 -16.94
C ALA B 228 -13.18 -31.68 -17.52
N GLY B 229 -13.52 -32.35 -18.62
CA GLY B 229 -12.75 -33.46 -19.10
C GLY B 229 -13.10 -34.78 -18.46
N ILE B 246 -19.71 -51.16 -3.11
CA ILE B 246 -20.31 -49.83 -3.15
C ILE B 246 -21.66 -49.81 -2.44
N GLN B 247 -22.47 -50.86 -2.65
CA GLN B 247 -23.70 -51.02 -1.88
C GLN B 247 -23.41 -51.06 -0.40
N SER B 248 -22.46 -51.90 0.01
CA SER B 248 -22.11 -52.01 1.42
C SER B 248 -21.55 -50.71 1.98
N MET B 249 -21.09 -49.80 1.11
CA MET B 249 -20.69 -48.47 1.57
C MET B 249 -21.91 -47.59 1.78
N ASN B 250 -22.87 -47.65 0.85
CA ASN B 250 -24.12 -46.91 1.03
C ASN B 250 -24.78 -47.29 2.35
N LYS B 251 -24.80 -48.59 2.67
CA LYS B 251 -25.41 -49.01 3.92
C LYS B 251 -24.48 -48.77 5.12
N GLU B 252 -23.16 -48.77 4.90
CA GLU B 252 -22.24 -48.33 5.95
C GLU B 252 -22.58 -46.92 6.40
N LEU B 253 -22.57 -45.97 5.46
CA LEU B 253 -22.91 -44.60 5.80
C LEU B 253 -24.35 -44.51 6.28
N LYS B 254 -25.23 -45.41 5.84
CA LYS B 254 -26.60 -45.39 6.31
C LYS B 254 -26.66 -45.72 7.80
N LYS B 255 -25.90 -46.73 8.22
CA LYS B 255 -25.89 -47.12 9.63
C LYS B 255 -25.23 -46.06 10.48
N ILE B 256 -24.13 -45.46 9.98
CA ILE B 256 -23.45 -44.44 10.76
C ILE B 256 -24.34 -43.22 10.92
N ILE B 257 -25.06 -42.86 9.85
CA ILE B 257 -26.05 -41.79 9.93
C ILE B 257 -27.10 -42.14 10.96
N GLY B 258 -27.53 -43.40 10.99
CA GLY B 258 -28.43 -43.85 12.03
C GLY B 258 -27.86 -43.64 13.42
N GLN B 259 -26.55 -43.86 13.58
CA GLN B 259 -25.92 -43.67 14.88
C GLN B 259 -25.94 -42.20 15.29
N VAL B 260 -25.39 -41.32 14.46
CA VAL B 260 -25.17 -39.93 14.86
C VAL B 260 -26.32 -39.02 14.44
N ARG B 261 -27.48 -39.58 14.11
CA ARG B 261 -28.63 -38.74 13.78
C ARG B 261 -29.08 -37.92 14.98
N ASP B 262 -29.05 -38.51 16.17
CA ASP B 262 -29.46 -37.82 17.39
C ASP B 262 -28.38 -36.91 17.97
N GLN B 263 -27.19 -36.88 17.37
CA GLN B 263 -26.13 -35.96 17.76
C GLN B 263 -26.23 -34.60 17.07
N ALA B 264 -27.05 -34.49 16.02
CA ALA B 264 -27.20 -33.25 15.28
C ALA B 264 -28.62 -33.18 14.72
N GLU B 265 -29.23 -31.99 14.85
CA GLU B 265 -30.61 -31.83 14.44
C GLU B 265 -30.77 -31.96 12.92
N HIS B 266 -30.12 -31.06 12.17
CA HIS B 266 -30.17 -31.10 10.72
C HIS B 266 -29.57 -32.41 10.21
N LEU B 267 -30.21 -32.98 9.19
CA LEU B 267 -29.73 -34.25 8.64
C LEU B 267 -28.39 -34.06 7.95
N LYS B 268 -28.31 -33.07 7.05
CA LYS B 268 -27.08 -32.75 6.32
C LYS B 268 -25.85 -32.73 7.21
N THR B 269 -26.01 -32.20 8.43
CA THR B 269 -24.96 -32.23 9.43
C THR B 269 -24.49 -33.65 9.66
N ALA B 270 -25.39 -34.50 10.13
CA ALA B 270 -25.03 -35.88 10.45
C ALA B 270 -24.57 -36.64 9.22
N VAL B 271 -25.02 -36.25 8.03
CA VAL B 271 -24.49 -36.83 6.81
C VAL B 271 -23.00 -36.57 6.72
N GLN B 272 -22.60 -35.31 6.88
CA GLN B 272 -21.18 -35.01 6.83
C GLN B 272 -20.44 -35.56 8.04
N MET B 273 -21.15 -35.85 9.13
CA MET B 273 -20.51 -36.48 10.27
C MET B 273 -20.21 -37.94 9.97
N ALA B 274 -21.11 -38.60 9.24
CA ALA B 274 -20.88 -39.98 8.85
C ALA B 274 -19.78 -40.08 7.83
N VAL B 275 -19.76 -39.14 6.88
CA VAL B 275 -18.68 -39.10 5.91
C VAL B 275 -17.35 -38.87 6.63
N PHE B 276 -17.37 -38.03 7.67
CA PHE B 276 -16.18 -37.80 8.47
C PHE B 276 -15.74 -39.07 9.18
N ILE B 277 -16.70 -39.76 9.79
CA ILE B 277 -16.40 -40.98 10.55
C ILE B 277 -15.80 -42.04 9.64
N HIS B 278 -16.45 -42.32 8.51
CA HIS B 278 -15.92 -43.31 7.58
C HIS B 278 -14.55 -42.90 7.06
N ASN B 279 -14.38 -41.63 6.69
CA ASN B 279 -13.16 -41.23 6.00
C ASN B 279 -11.95 -41.14 6.92
N PHE B 280 -12.13 -40.76 8.19
CA PHE B 280 -11.01 -40.60 9.11
C PHE B 280 -11.09 -41.44 10.38
N LYS B 281 -12.28 -41.71 10.91
CA LYS B 281 -12.39 -42.46 12.15
C LYS B 281 -12.42 -43.97 11.92
N ALA B 291 -9.59 -43.74 4.91
CA ALA B 291 -9.57 -43.62 3.45
C ALA B 291 -8.81 -42.37 2.98
N GLY B 292 -8.69 -41.35 3.83
CA GLY B 292 -7.90 -40.18 3.49
C GLY B 292 -6.48 -40.58 3.16
N GLU B 293 -5.79 -41.19 4.13
CA GLU B 293 -4.44 -41.67 3.86
C GLU B 293 -4.41 -42.79 2.84
N ARG B 294 -5.56 -43.39 2.49
CA ARG B 294 -5.57 -44.33 1.37
C ARG B 294 -5.36 -43.59 0.06
N ILE B 295 -6.12 -42.52 -0.19
CA ILE B 295 -5.87 -41.77 -1.43
C ILE B 295 -4.48 -41.15 -1.39
N VAL B 296 -4.00 -40.80 -0.20
CA VAL B 296 -2.62 -40.34 -0.12
C VAL B 296 -1.68 -41.47 -0.52
N ASP B 297 -2.04 -42.71 -0.19
CA ASP B 297 -1.21 -43.84 -0.55
C ASP B 297 -1.28 -44.13 -2.04
N ILE B 298 -2.37 -43.75 -2.70
CA ILE B 298 -2.47 -43.96 -4.14
C ILE B 298 -1.37 -43.21 -4.87
N ILE B 299 -1.21 -41.92 -4.55
CA ILE B 299 -0.30 -41.05 -5.28
C ILE B 299 0.95 -40.80 -4.44
N ASN B 317 16.28 -37.99 -0.36
CA ASN B 317 15.01 -38.62 0.00
C ASN B 317 13.87 -37.62 -0.05
N PHE B 318 13.91 -36.60 0.82
CA PHE B 318 12.91 -35.56 0.87
C PHE B 318 13.57 -34.20 0.63
N ARG B 319 12.76 -33.22 0.26
CA ARG B 319 13.21 -31.86 -0.03
C ARG B 319 12.43 -30.92 0.88
N VAL B 320 13.11 -29.87 1.38
CA VAL B 320 12.57 -29.01 2.41
C VAL B 320 12.73 -27.56 1.99
N TYR B 321 11.67 -26.77 2.18
CA TYR B 321 11.71 -25.33 1.93
C TYR B 321 11.39 -24.58 3.21
N TYR B 322 12.10 -23.48 3.46
CA TYR B 322 12.17 -22.87 4.78
C TYR B 322 12.38 -21.36 4.67
N ARG B 323 12.07 -20.68 5.78
CA ARG B 323 12.23 -19.23 5.92
C ARG B 323 12.94 -18.93 7.22
N ASP B 324 13.88 -17.99 7.17
CA ASP B 324 14.58 -17.50 8.35
C ASP B 324 13.79 -16.36 8.97
N SER B 325 14.38 -15.74 9.99
CA SER B 325 13.72 -14.63 10.67
C SER B 325 13.91 -13.34 9.87
N ARG B 326 12.81 -12.61 9.66
CA ARG B 326 12.85 -11.32 8.97
C ARG B 326 13.46 -11.46 7.58
N ASP B 327 12.98 -12.43 6.82
CA ASP B 327 13.43 -12.63 5.43
C ASP B 327 12.37 -13.52 4.78
N PRO B 328 11.22 -12.96 4.40
CA PRO B 328 10.12 -13.79 3.88
C PRO B 328 10.41 -14.55 2.59
N VAL B 329 11.60 -14.40 2.01
CA VAL B 329 11.98 -15.19 0.85
C VAL B 329 11.96 -16.67 1.23
N TRP B 330 11.37 -17.49 0.37
CA TRP B 330 11.43 -18.94 0.56
C TRP B 330 12.74 -19.47 0.05
N LYS B 331 13.30 -20.44 0.77
CA LYS B 331 14.67 -20.86 0.57
C LYS B 331 14.74 -22.22 -0.14
N GLY B 332 15.95 -22.54 -0.59
CA GLY B 332 16.18 -23.60 -1.54
C GLY B 332 15.86 -24.99 -1.02
N PRO B 333 16.00 -26.00 -1.89
CA PRO B 333 15.82 -27.38 -1.44
C PRO B 333 16.84 -27.77 -0.38
N ALA B 334 16.35 -28.07 0.81
CA ALA B 334 17.22 -28.38 1.93
C ALA B 334 17.12 -29.86 2.27
N LYS B 335 18.27 -30.53 2.29
CA LYS B 335 18.32 -31.97 2.51
C LYS B 335 17.86 -32.28 3.93
N LEU B 336 16.69 -32.88 4.05
CA LEU B 336 16.16 -33.27 5.34
C LEU B 336 17.06 -34.31 5.99
N LEU B 337 17.64 -33.96 7.14
CA LEU B 337 18.44 -34.90 7.92
C LEU B 337 17.62 -35.54 9.03
N TRP B 338 16.67 -34.80 9.60
CA TRP B 338 15.72 -35.42 10.54
C TRP B 338 14.48 -34.54 10.62
N LYS B 339 13.32 -35.19 10.70
CA LYS B 339 12.06 -34.50 10.97
C LYS B 339 11.73 -34.69 12.44
N GLY B 340 11.65 -33.58 13.17
CA GLY B 340 11.28 -33.58 14.56
C GLY B 340 9.86 -33.11 14.79
N GLU B 341 9.55 -32.85 16.05
CA GLU B 341 8.25 -32.35 16.48
C GLU B 341 8.50 -30.93 16.97
N GLY B 342 7.99 -29.95 16.23
CA GLY B 342 8.20 -28.56 16.53
C GLY B 342 9.50 -27.99 16.02
N ALA B 343 10.48 -28.84 15.70
CA ALA B 343 11.67 -28.39 14.99
C ALA B 343 12.12 -29.50 14.05
N VAL B 344 12.94 -29.09 13.08
CA VAL B 344 13.42 -30.00 12.03
C VAL B 344 14.87 -29.68 11.73
N VAL B 345 15.59 -30.73 11.38
CA VAL B 345 17.03 -30.71 11.20
C VAL B 345 17.30 -30.84 9.70
N ILE B 346 17.72 -29.75 9.08
CA ILE B 346 17.94 -29.67 7.66
C ILE B 346 19.43 -29.52 7.37
N GLN B 347 19.78 -29.63 6.09
CA GLN B 347 21.12 -29.34 5.60
C GLN B 347 20.99 -28.62 4.27
N ASP B 348 21.51 -27.39 4.22
CA ASP B 348 21.82 -26.73 2.95
C ASP B 348 23.26 -27.05 2.59
N ASN B 349 23.75 -26.38 1.56
CA ASN B 349 25.05 -26.74 1.00
C ASN B 349 26.20 -26.58 1.99
N SER B 350 26.05 -25.68 2.98
CA SER B 350 27.12 -25.42 3.95
C SER B 350 26.68 -25.26 5.39
N ASP B 351 25.41 -25.52 5.73
CA ASP B 351 24.91 -25.24 7.08
C ASP B 351 23.80 -26.20 7.46
N ILE B 352 24.11 -27.13 8.36
CA ILE B 352 23.09 -27.93 9.01
C ILE B 352 22.32 -27.04 9.97
N LYS B 353 21.02 -26.85 9.71
CA LYS B 353 20.23 -25.85 10.43
C LYS B 353 19.09 -26.48 11.19
N VAL B 354 18.74 -25.82 12.30
CA VAL B 354 17.48 -26.03 13.00
C VAL B 354 16.47 -25.08 12.38
N VAL B 355 15.26 -25.56 12.19
CA VAL B 355 14.15 -24.69 11.79
C VAL B 355 12.88 -25.15 12.51
N PRO B 356 12.10 -24.26 13.14
CA PRO B 356 10.83 -24.73 13.71
C PRO B 356 9.86 -25.09 12.61
N ARG B 357 8.92 -25.99 12.94
CA ARG B 357 8.01 -26.51 11.91
C ARG B 357 7.10 -25.42 11.39
N ARG B 358 6.92 -24.35 12.16
CA ARG B 358 6.12 -23.23 11.72
C ARG B 358 6.73 -22.45 10.55
N LYS B 359 7.96 -22.79 10.13
CA LYS B 359 8.63 -22.13 9.02
C LYS B 359 9.21 -23.13 8.03
N ALA B 360 8.54 -24.26 7.80
CA ALA B 360 9.09 -25.31 6.96
C ALA B 360 7.98 -26.01 6.19
N LYS B 361 8.38 -26.63 5.09
CA LYS B 361 7.51 -27.48 4.29
C LYS B 361 8.36 -28.64 3.77
N ILE B 362 7.82 -29.84 3.84
CA ILE B 362 8.54 -31.07 3.49
C ILE B 362 7.79 -31.74 2.35
N ILE B 363 8.42 -31.77 1.18
CA ILE B 363 7.83 -32.34 -0.03
C ILE B 363 8.87 -33.24 -0.68
N ARG B 364 8.42 -34.36 -1.23
CA ARG B 364 9.30 -35.33 -1.87
C ARG B 364 10.07 -34.71 -3.01
N PHE F 96 1.29 -27.12 -36.90
CA PHE F 96 2.57 -27.18 -36.21
C PHE F 96 2.63 -28.52 -35.47
N LEU F 97 1.95 -28.59 -34.34
CA LEU F 97 1.77 -29.82 -33.59
C LEU F 97 0.36 -29.81 -33.01
N ASP F 98 -0.30 -30.97 -33.03
CA ASP F 98 -1.67 -31.03 -32.51
C ASP F 98 -1.71 -30.72 -31.02
N GLY F 99 -0.58 -30.92 -30.32
CA GLY F 99 -0.44 -30.40 -28.98
C GLY F 99 -0.73 -28.92 -28.89
N ILE F 100 -0.41 -28.16 -29.94
CA ILE F 100 -0.69 -26.73 -29.94
C ILE F 100 -2.19 -26.48 -30.01
N ASP F 101 -2.88 -27.19 -30.90
CA ASP F 101 -4.32 -27.01 -31.05
C ASP F 101 -5.06 -27.36 -29.76
N LYS F 102 -4.75 -28.53 -29.20
CA LYS F 102 -5.39 -28.88 -27.93
C LYS F 102 -4.93 -27.98 -26.79
N ALA F 103 -3.73 -27.40 -26.91
CA ALA F 103 -3.30 -26.39 -25.94
C ALA F 103 -4.13 -25.12 -26.05
N GLN F 104 -4.64 -24.84 -27.25
CA GLN F 104 -5.42 -23.62 -27.44
C GLN F 104 -6.88 -23.85 -27.06
N GLU F 105 -7.34 -25.10 -27.19
CA GLU F 105 -8.66 -25.45 -26.67
C GLU F 105 -8.63 -25.47 -25.14
N GLU F 106 -7.68 -26.22 -24.58
CA GLU F 106 -7.37 -26.18 -23.15
C GLU F 106 -7.34 -24.76 -22.62
N HIS F 107 -6.49 -23.92 -23.23
CA HIS F 107 -6.37 -22.54 -22.79
C HIS F 107 -7.69 -21.79 -22.90
N GLU F 108 -8.38 -21.94 -24.03
CA GLU F 108 -9.60 -21.19 -24.25
C GLU F 108 -10.78 -21.73 -23.46
N LYS F 109 -10.58 -22.79 -22.65
CA LYS F 109 -11.60 -23.26 -21.72
C LYS F 109 -11.23 -22.95 -20.28
N TYR F 110 -9.94 -22.99 -19.96
CA TYR F 110 -9.46 -22.83 -18.59
C TYR F 110 -8.54 -21.64 -18.39
N HIS F 111 -8.04 -21.03 -19.46
CA HIS F 111 -7.05 -19.97 -19.38
C HIS F 111 -5.87 -20.37 -18.49
N SER F 112 -5.28 -21.52 -18.80
CA SER F 112 -4.09 -21.97 -18.09
C SER F 112 -2.93 -21.02 -18.33
N ASN F 113 -1.95 -21.08 -17.45
CA ASN F 113 -0.72 -20.32 -17.61
C ASN F 113 0.25 -21.07 -18.51
N TRP F 114 1.45 -20.52 -18.65
CA TRP F 114 2.39 -21.08 -19.62
C TRP F 114 3.07 -22.32 -19.08
N ARG F 115 3.35 -22.38 -17.78
CA ARG F 115 3.97 -23.56 -17.20
C ARG F 115 3.03 -24.76 -17.29
N ALA F 116 1.74 -24.52 -17.10
CA ALA F 116 0.77 -25.61 -17.10
C ALA F 116 0.69 -26.28 -18.47
N MET F 117 0.36 -25.51 -19.50
CA MET F 117 0.32 -26.05 -20.85
C MET F 117 1.65 -26.61 -21.25
N ALA F 118 2.73 -25.94 -20.85
CA ALA F 118 4.07 -26.35 -21.28
C ALA F 118 4.42 -27.73 -20.73
N SER F 119 4.31 -27.91 -19.42
CA SER F 119 4.68 -29.19 -18.82
C SER F 119 3.66 -30.27 -19.11
N ASP F 120 2.36 -29.95 -19.04
CA ASP F 120 1.31 -30.93 -19.25
C ASP F 120 1.38 -31.55 -20.64
N PHE F 121 1.18 -30.74 -21.68
CA PHE F 121 1.15 -31.22 -23.05
C PHE F 121 2.53 -31.36 -23.67
N ASN F 122 3.60 -31.27 -22.87
CA ASN F 122 4.95 -31.57 -23.31
C ASN F 122 5.38 -30.63 -24.43
N LEU F 123 5.32 -29.32 -24.14
CA LEU F 123 5.63 -28.24 -25.06
C LEU F 123 6.76 -27.38 -24.50
N PRO F 124 7.35 -26.49 -25.31
CA PRO F 124 8.40 -25.62 -24.77
C PRO F 124 7.79 -24.36 -24.17
N PRO F 125 8.55 -23.61 -23.38
CA PRO F 125 7.96 -22.42 -22.74
C PRO F 125 7.65 -21.30 -23.69
N VAL F 126 8.35 -21.21 -24.83
CA VAL F 126 8.20 -20.04 -25.68
C VAL F 126 6.82 -20.03 -26.32
N VAL F 127 6.50 -21.09 -27.06
CA VAL F 127 5.20 -21.17 -27.71
C VAL F 127 4.09 -21.17 -26.67
N ALA F 128 4.36 -21.71 -25.48
CA ALA F 128 3.39 -21.59 -24.40
C ALA F 128 3.11 -20.13 -24.08
N LYS F 129 4.17 -19.33 -23.91
CA LYS F 129 3.98 -17.91 -23.64
C LYS F 129 3.42 -17.17 -24.85
N GLU F 130 3.46 -17.80 -26.04
CA GLU F 130 2.83 -17.19 -27.20
C GLU F 130 1.35 -17.50 -27.25
N ILE F 131 0.94 -18.64 -26.68
CA ILE F 131 -0.48 -18.92 -26.57
C ILE F 131 -1.08 -18.05 -25.48
N VAL F 132 -0.39 -17.96 -24.36
CA VAL F 132 -0.79 -17.05 -23.29
C VAL F 132 -0.85 -15.62 -23.81
N ALA F 133 0.21 -15.18 -24.50
CA ALA F 133 0.26 -13.81 -24.98
C ALA F 133 -0.67 -13.59 -26.18
N SER F 134 -1.11 -14.67 -26.83
CA SER F 134 -2.12 -14.52 -27.87
C SER F 134 -3.50 -14.23 -27.30
N CYS F 135 -3.70 -14.43 -25.99
CA CYS F 135 -4.99 -14.29 -25.37
C CYS F 135 -5.23 -12.84 -25.01
N ASP F 136 -6.52 -12.48 -24.85
CA ASP F 136 -6.87 -11.11 -24.50
C ASP F 136 -7.17 -10.98 -23.01
N LYS F 137 -7.93 -11.92 -22.45
CA LYS F 137 -8.41 -11.81 -21.09
C LYS F 137 -7.30 -11.92 -20.06
N CYS F 138 -6.37 -12.85 -20.25
CA CYS F 138 -5.29 -13.09 -19.30
C CYS F 138 -4.36 -11.91 -19.13
N GLN F 139 -4.37 -10.96 -20.07
CA GLN F 139 -3.41 -9.86 -20.07
C GLN F 139 -4.00 -8.71 -19.27
N LEU F 140 -3.84 -8.81 -17.96
CA LEU F 140 -4.26 -7.75 -17.05
C LEU F 140 -3.05 -7.07 -16.42
N LYS F 141 -2.34 -7.77 -15.53
CA LYS F 141 -1.20 -7.17 -14.82
C LYS F 141 -0.24 -6.36 -15.66
N GLY F 142 0.34 -5.34 -15.05
CA GLY F 142 1.28 -4.43 -15.68
C GLY F 142 2.73 -4.73 -15.36
N GLU F 143 3.55 -3.68 -15.46
CA GLU F 143 4.99 -3.85 -15.58
C GLU F 143 5.74 -3.91 -14.26
N ALA F 144 5.12 -3.55 -13.15
CA ALA F 144 5.72 -3.70 -11.83
C ALA F 144 7.01 -2.89 -11.69
N MET F 145 6.87 -1.57 -11.86
CA MET F 145 8.03 -0.70 -11.70
C MET F 145 7.61 0.76 -11.60
N HIS F 146 8.11 1.45 -10.58
CA HIS F 146 7.90 2.88 -10.45
C HIS F 146 8.92 3.65 -11.28
N GLY F 147 8.68 4.94 -11.43
CA GLY F 147 9.58 5.82 -12.14
C GLY F 147 10.38 6.70 -11.21
N GLN F 148 10.78 7.86 -11.73
CA GLN F 148 11.55 8.84 -10.98
C GLN F 148 11.12 10.24 -11.39
N VAL F 149 10.53 10.98 -10.43
CA VAL F 149 10.08 12.32 -10.72
C VAL F 149 11.26 13.21 -11.06
N ASP F 150 11.02 14.17 -11.96
CA ASP F 150 12.05 15.12 -12.35
C ASP F 150 12.41 16.02 -11.18
N CYS F 151 13.70 16.02 -10.83
CA CYS F 151 14.23 16.79 -9.70
C CYS F 151 15.18 17.84 -10.24
N SER F 152 14.62 18.98 -10.62
CA SER F 152 15.34 20.12 -11.15
C SER F 152 15.15 21.33 -10.25
N PRO F 153 16.09 22.29 -10.22
CA PRO F 153 15.93 23.41 -9.29
C PRO F 153 14.70 24.26 -9.52
N GLY F 154 14.32 24.41 -10.79
CA GLY F 154 13.22 25.27 -11.15
C GLY F 154 11.85 24.67 -11.03
N ILE F 155 11.73 23.50 -10.41
CA ILE F 155 10.45 22.83 -10.26
C ILE F 155 9.90 23.12 -8.86
N TRP F 156 8.58 23.21 -8.77
CA TRP F 156 7.89 23.46 -7.53
C TRP F 156 6.58 22.68 -7.51
N GLN F 157 6.50 21.66 -6.68
CA GLN F 157 5.25 20.93 -6.54
C GLN F 157 4.22 21.77 -5.82
N LEU F 158 2.96 21.40 -5.99
CA LEU F 158 1.85 22.22 -5.54
C LEU F 158 0.61 21.34 -5.41
N ASP F 159 -0.03 21.38 -4.25
CA ASP F 159 -1.26 20.62 -4.07
C ASP F 159 -1.91 21.06 -2.78
N CYS F 160 -3.20 20.74 -2.67
CA CYS F 160 -4.00 21.08 -1.50
C CYS F 160 -4.21 19.85 -0.63
N THR F 161 -4.78 20.08 0.54
CA THR F 161 -5.24 19.02 1.41
C THR F 161 -6.31 19.57 2.33
N HIS F 162 -6.74 18.74 3.27
CA HIS F 162 -7.94 18.99 4.05
C HIS F 162 -7.67 18.67 5.52
N LEU F 163 -8.15 19.55 6.39
CA LEU F 163 -7.98 19.38 7.83
C LEU F 163 -8.89 20.31 8.62
N GLU F 164 -9.64 19.76 9.56
CA GLU F 164 -10.53 20.52 10.42
C GLU F 164 -11.51 21.37 9.61
N GLY F 165 -12.00 20.81 8.50
CA GLY F 165 -12.91 21.51 7.62
C GLY F 165 -12.26 22.55 6.73
N LYS F 166 -10.97 22.83 6.91
CA LYS F 166 -10.26 23.84 6.17
C LYS F 166 -9.46 23.18 5.06
N VAL F 167 -9.18 23.96 4.02
CA VAL F 167 -8.42 23.49 2.86
C VAL F 167 -7.07 24.20 2.85
N ILE F 168 -6.02 23.45 3.13
CA ILE F 168 -4.65 23.94 3.09
C ILE F 168 -4.17 23.86 1.66
N LEU F 169 -3.30 24.80 1.29
CA LEU F 169 -2.53 24.74 0.06
C LEU F 169 -1.06 24.62 0.47
N VAL F 170 -0.32 23.84 -0.31
CA VAL F 170 1.06 23.49 0.00
C VAL F 170 1.86 23.63 -1.27
N ALA F 171 2.92 24.43 -1.20
CA ALA F 171 3.93 24.52 -2.24
C ALA F 171 5.20 23.90 -1.71
N VAL F 172 5.96 23.26 -2.60
CA VAL F 172 7.14 22.50 -2.22
C VAL F 172 8.21 22.73 -3.26
N HIS F 173 9.46 22.70 -2.81
CA HIS F 173 10.60 22.59 -3.70
C HIS F 173 11.03 21.12 -3.73
N VAL F 174 11.28 20.60 -4.93
CA VAL F 174 11.52 19.18 -5.09
C VAL F 174 12.85 18.79 -4.45
N ALA F 175 13.84 19.66 -4.57
CA ALA F 175 15.20 19.30 -4.20
C ALA F 175 15.42 19.44 -2.70
N SER F 176 15.06 20.59 -2.14
CA SER F 176 15.41 20.95 -0.77
C SER F 176 14.40 20.50 0.27
N GLY F 177 13.26 19.96 -0.16
CA GLY F 177 12.22 19.63 0.79
C GLY F 177 11.58 20.84 1.44
N TYR F 178 11.90 22.04 0.98
CA TYR F 178 11.40 23.27 1.58
C TYR F 178 9.90 23.35 1.37
N ILE F 179 9.23 24.18 2.17
CA ILE F 179 7.78 24.31 2.14
C ILE F 179 7.41 25.78 2.04
N GLU F 180 6.31 26.06 1.35
CA GLU F 180 5.57 27.31 1.47
C GLU F 180 4.11 26.90 1.56
N ALA F 181 3.64 26.78 2.79
CA ALA F 181 2.30 26.30 3.09
C ALA F 181 1.46 27.45 3.60
N GLU F 182 0.16 27.39 3.32
CA GLU F 182 -0.74 28.32 3.95
C GLU F 182 -2.14 27.76 3.91
N VAL F 183 -3.01 28.39 4.68
CA VAL F 183 -4.41 28.05 4.68
C VAL F 183 -5.09 28.80 3.54
N ILE F 184 -6.04 28.15 2.89
CA ILE F 184 -6.93 28.79 1.92
C ILE F 184 -8.29 28.94 2.59
N PRO F 185 -8.91 30.13 2.58
CA PRO F 185 -10.21 30.25 3.25
C PRO F 185 -11.32 29.46 2.56
N ALA F 186 -11.26 29.36 1.23
CA ALA F 186 -12.18 28.52 0.48
C ALA F 186 -11.56 28.34 -0.90
N GLU F 187 -11.36 27.08 -1.30
CA GLU F 187 -10.55 26.79 -2.47
C GLU F 187 -11.21 27.27 -3.75
N THR F 188 -10.51 28.15 -4.46
CA THR F 188 -10.84 28.52 -5.83
C THR F 188 -9.58 28.92 -6.56
N GLY F 189 -9.70 29.08 -7.87
CA GLY F 189 -8.50 29.26 -8.70
C GLY F 189 -7.84 30.61 -8.51
N GLN F 190 -8.65 31.65 -8.27
CA GLN F 190 -8.09 32.99 -8.13
C GLN F 190 -7.15 33.07 -6.94
N GLU F 191 -7.56 32.51 -5.80
CA GLU F 191 -6.72 32.54 -4.60
C GLU F 191 -5.42 31.78 -4.84
N THR F 192 -5.48 30.70 -5.61
CA THR F 192 -4.28 29.98 -5.97
C THR F 192 -3.37 30.84 -6.83
N ALA F 193 -3.93 31.56 -7.79
CA ALA F 193 -3.11 32.40 -8.66
C ALA F 193 -2.42 33.48 -7.84
N TYR F 194 -3.14 34.07 -6.89
CA TYR F 194 -2.51 35.00 -5.96
C TYR F 194 -1.40 34.33 -5.17
N PHE F 195 -1.56 33.05 -4.84
CA PHE F 195 -0.53 32.36 -4.08
C PHE F 195 0.71 32.12 -4.92
N LEU F 196 0.53 31.81 -6.20
CA LEU F 196 1.68 31.60 -7.06
C LEU F 196 2.39 32.91 -7.32
N LEU F 197 1.64 34.00 -7.37
CA LEU F 197 2.25 35.31 -7.42
C LEU F 197 3.04 35.58 -6.14
N LYS F 198 2.51 35.13 -4.99
CA LYS F 198 3.24 35.26 -3.74
C LYS F 198 4.51 34.42 -3.74
N LEU F 199 4.48 33.26 -4.39
CA LEU F 199 5.62 32.35 -4.37
C LEU F 199 6.66 32.75 -5.42
N ALA F 200 6.24 33.51 -6.42
CA ALA F 200 7.20 34.00 -7.42
C ALA F 200 7.91 35.24 -6.92
N GLY F 201 7.24 36.04 -6.12
CA GLY F 201 7.83 37.23 -5.57
C GLY F 201 8.79 37.01 -4.43
N ARG F 202 8.98 35.75 -4.02
CA ARG F 202 9.87 35.42 -2.91
C ARG F 202 10.92 34.40 -3.34
N TRP F 203 10.55 33.49 -4.23
CA TRP F 203 11.39 32.39 -4.62
C TRP F 203 11.48 32.29 -6.14
N PRO F 204 12.67 32.05 -6.73
CA PRO F 204 12.74 31.87 -8.18
C PRO F 204 11.98 30.64 -8.65
N VAL F 205 10.92 30.87 -9.40
CA VAL F 205 10.13 29.79 -9.97
C VAL F 205 10.39 29.80 -11.47
N LYS F 206 10.46 28.60 -12.04
CA LYS F 206 10.60 28.40 -13.47
C LYS F 206 9.45 27.58 -14.04
N THR F 207 9.02 26.56 -13.31
CA THR F 207 7.92 25.71 -13.75
C THR F 207 7.30 25.01 -12.55
N VAL F 208 6.02 24.65 -12.71
CA VAL F 208 5.22 24.07 -11.64
C VAL F 208 4.69 22.72 -12.10
N HIS F 209 4.87 21.71 -11.25
CA HIS F 209 4.41 20.36 -11.52
C HIS F 209 3.37 19.97 -10.48
N THR F 210 2.10 19.98 -10.90
CA THR F 210 0.99 19.55 -10.08
C THR F 210 -0.01 18.79 -10.94
N ASP F 211 -1.17 18.50 -10.36
CA ASP F 211 -2.15 17.59 -10.94
C ASP F 211 -3.20 18.37 -11.71
N ASN F 212 -4.10 17.63 -12.36
CA ASN F 212 -5.13 18.20 -13.22
C ASN F 212 -6.38 18.58 -12.44
N GLY F 213 -6.21 18.92 -11.18
CA GLY F 213 -7.32 19.29 -10.33
C GLY F 213 -8.16 20.38 -10.95
N SER F 214 -9.31 20.86 -10.51
CA SER F 214 -10.06 21.98 -11.07
C SER F 214 -9.21 23.24 -11.19
N ASN F 215 -8.75 23.75 -10.05
CA ASN F 215 -8.10 25.06 -10.01
C ASN F 215 -7.01 25.19 -11.05
N PHE F 216 -6.05 24.28 -11.02
CA PHE F 216 -4.76 24.55 -11.64
C PHE F 216 -4.84 24.54 -13.15
N THR F 217 -6.02 24.20 -13.69
CA THR F 217 -6.30 24.35 -15.10
C THR F 217 -7.05 25.63 -15.42
N SER F 218 -7.50 26.38 -14.43
CA SER F 218 -8.24 27.56 -14.85
C SER F 218 -7.37 28.51 -15.65
N THR F 219 -8.01 29.51 -16.24
CA THR F 219 -7.31 30.49 -17.05
C THR F 219 -6.56 31.50 -16.19
N THR F 220 -7.06 31.76 -14.98
CA THR F 220 -6.43 32.73 -14.10
C THR F 220 -5.00 32.32 -13.78
N VAL F 221 -4.82 31.04 -13.42
CA VAL F 221 -3.49 30.53 -13.14
C VAL F 221 -2.60 30.66 -14.36
N LYS F 222 -3.18 30.39 -15.54
CA LYS F 222 -2.43 30.47 -16.78
C LYS F 222 -1.92 31.87 -17.02
N ALA F 223 -2.78 32.87 -16.83
CA ALA F 223 -2.35 34.25 -16.99
C ALA F 223 -1.27 34.60 -15.97
N ALA F 224 -1.36 34.03 -14.78
CA ALA F 224 -0.38 34.35 -13.74
C ALA F 224 1.00 33.81 -14.09
N CYS F 225 1.10 32.50 -14.31
CA CYS F 225 2.38 31.90 -14.68
C CYS F 225 2.85 32.43 -16.03
N TRP F 226 1.92 32.91 -16.86
CA TRP F 226 2.28 33.58 -18.09
C TRP F 226 3.02 34.88 -17.80
N TRP F 227 2.48 35.70 -16.90
CA TRP F 227 3.13 36.97 -16.57
C TRP F 227 4.47 36.74 -15.90
N ALA F 228 4.58 35.68 -15.09
CA ALA F 228 5.79 35.46 -14.30
C ALA F 228 6.83 34.60 -14.99
N GLY F 229 6.64 34.26 -16.25
CA GLY F 229 7.62 33.44 -16.94
C GLY F 229 7.73 32.05 -16.40
N ILE F 230 6.64 31.53 -15.81
CA ILE F 230 6.62 30.23 -15.17
C ILE F 230 5.88 29.26 -16.10
N LYS F 231 6.44 28.07 -16.29
CA LYS F 231 5.83 27.09 -17.18
C LYS F 231 4.92 26.16 -16.38
N GLN F 232 3.68 26.04 -16.82
CA GLN F 232 2.67 25.24 -16.14
C GLN F 232 2.72 23.83 -16.71
N GLU F 233 3.16 22.88 -15.89
CA GLU F 233 3.18 21.47 -16.24
C GLU F 233 2.11 20.73 -15.46
N PHE F 234 1.63 19.66 -16.07
CA PHE F 234 0.64 18.77 -15.48
C PHE F 234 1.16 17.34 -15.51
N GLY F 235 0.38 16.44 -14.93
CA GLY F 235 0.72 15.04 -14.88
C GLY F 235 -0.46 14.15 -15.22
N ILE F 236 -0.39 12.87 -14.86
CA ILE F 236 -1.54 12.00 -15.13
C ILE F 236 -2.64 12.33 -14.12
N PRO F 237 -3.92 12.25 -14.48
CA PRO F 237 -4.96 12.41 -13.46
C PRO F 237 -4.92 11.40 -12.33
N TYR F 238 -5.10 10.13 -12.65
CA TYR F 238 -5.21 9.08 -11.63
C TYR F 238 -3.86 8.36 -11.52
N ASN F 239 -2.87 9.13 -11.11
CA ASN F 239 -1.60 8.60 -10.67
C ASN F 239 -0.99 9.60 -9.68
N PRO F 240 -1.54 9.68 -8.47
CA PRO F 240 -1.02 10.63 -7.47
C PRO F 240 0.46 10.51 -7.21
N GLN F 241 1.04 9.31 -7.39
CA GLN F 241 2.46 9.14 -7.15
C GLN F 241 3.31 9.98 -8.08
N SER F 242 2.75 10.49 -9.18
CA SER F 242 3.52 11.39 -10.05
C SER F 242 3.87 12.68 -9.33
N GLN F 243 3.04 13.11 -8.38
CA GLN F 243 3.34 14.25 -7.52
C GLN F 243 3.97 13.83 -6.22
N GLY F 244 4.34 12.56 -6.11
CA GLY F 244 4.53 11.88 -4.84
C GLY F 244 5.19 12.65 -3.74
N VAL F 245 6.21 13.42 -4.12
CA VAL F 245 6.97 14.25 -3.17
C VAL F 245 6.01 15.02 -2.26
N ILE F 246 5.17 15.86 -2.86
CA ILE F 246 4.30 16.73 -2.09
C ILE F 246 3.38 15.94 -1.20
N GLN F 247 2.93 14.76 -1.68
CA GLN F 247 2.00 13.98 -0.89
C GLN F 247 2.63 13.61 0.43
N SER F 248 3.89 13.18 0.39
CA SER F 248 4.56 12.80 1.61
C SER F 248 4.66 13.99 2.56
N MET F 249 4.87 15.18 2.00
CA MET F 249 4.99 16.36 2.85
C MET F 249 3.74 16.53 3.70
N ASN F 250 2.56 16.33 3.10
CA ASN F 250 1.32 16.48 3.85
C ASN F 250 1.34 15.62 5.09
N LYS F 251 1.78 14.36 4.94
CA LYS F 251 1.91 13.46 6.09
C LYS F 251 2.72 14.12 7.18
N GLU F 252 3.97 14.47 6.88
CA GLU F 252 4.82 15.09 7.88
C GLU F 252 4.22 16.38 8.38
N LEU F 253 3.63 17.18 7.50
CA LEU F 253 3.02 18.41 7.95
C LEU F 253 1.92 18.11 8.95
N LYS F 254 1.04 17.17 8.60
CA LYS F 254 -0.01 16.78 9.54
C LYS F 254 0.60 16.20 10.80
N LYS F 255 1.69 15.44 10.64
CA LYS F 255 2.35 14.85 11.79
C LYS F 255 2.79 15.93 12.74
N ILE F 256 3.35 17.02 12.20
CA ILE F 256 3.85 18.07 13.07
C ILE F 256 2.68 18.80 13.70
N ILE F 257 1.55 18.85 13.01
CA ILE F 257 0.38 19.49 13.61
C ILE F 257 -0.15 18.63 14.75
N GLY F 258 0.17 17.34 14.75
CA GLY F 258 -0.19 16.51 15.88
C GLY F 258 0.56 16.91 17.12
N GLN F 259 1.72 17.54 16.95
CA GLN F 259 2.61 17.80 18.07
C GLN F 259 2.35 19.17 18.69
N VAL F 260 1.89 20.13 17.90
CA VAL F 260 1.87 21.53 18.30
C VAL F 260 0.50 22.18 18.04
N ARG F 261 -0.58 21.40 18.08
CA ARG F 261 -1.90 22.01 17.91
C ARG F 261 -2.37 22.66 19.21
N ASP F 262 -1.84 22.24 20.35
CA ASP F 262 -2.19 22.84 21.64
C ASP F 262 -1.47 24.16 21.88
N GLN F 263 -0.68 24.64 20.92
CA GLN F 263 0.01 25.92 21.02
C GLN F 263 -0.64 26.99 20.16
N ALA F 264 -1.98 27.01 20.09
CA ALA F 264 -2.66 27.98 19.26
C ALA F 264 -4.15 27.99 19.56
N GLU F 265 -4.77 29.12 19.22
CA GLU F 265 -6.22 29.26 19.16
C GLU F 265 -6.75 29.22 17.73
N HIS F 266 -5.87 29.12 16.74
CA HIS F 266 -6.26 29.12 15.34
C HIS F 266 -5.38 28.14 14.58
N LEU F 267 -5.82 27.78 13.37
CA LEU F 267 -5.13 26.75 12.60
C LEU F 267 -3.92 27.32 11.88
N LYS F 268 -4.12 28.38 11.10
CA LYS F 268 -3.09 28.95 10.24
C LYS F 268 -1.80 29.22 11.00
N THR F 269 -1.93 29.64 12.25
CA THR F 269 -0.77 29.82 13.11
C THR F 269 0.02 28.53 13.21
N ALA F 270 -0.64 27.45 13.65
CA ALA F 270 0.04 26.18 13.83
C ALA F 270 0.59 25.66 12.51
N VAL F 271 -0.07 26.00 11.41
CA VAL F 271 0.45 25.63 10.10
C VAL F 271 1.82 26.25 9.90
N GLN F 272 1.90 27.58 9.97
CA GLN F 272 3.18 28.24 9.75
C GLN F 272 4.22 27.86 10.81
N MET F 273 3.77 27.49 12.01
CA MET F 273 4.68 26.97 13.01
C MET F 273 5.33 25.67 12.53
N ALA F 274 4.49 24.77 12.00
CA ALA F 274 5.01 23.53 11.44
C ALA F 274 5.97 23.80 10.29
N VAL F 275 5.66 24.82 9.49
CA VAL F 275 6.55 25.20 8.41
C VAL F 275 7.92 25.61 8.95
N PHE F 276 7.91 26.44 10.01
CA PHE F 276 9.16 26.83 10.66
C PHE F 276 9.95 25.61 11.11
N ILE F 277 9.25 24.67 11.77
CA ILE F 277 9.93 23.51 12.34
C ILE F 277 10.56 22.67 11.24
N HIS F 278 9.79 22.38 10.19
CA HIS F 278 10.27 21.47 9.17
C HIS F 278 11.37 22.10 8.33
N ASN F 279 11.26 23.40 8.06
CA ASN F 279 12.21 24.01 7.14
C ASN F 279 13.52 24.38 7.81
N PHE F 280 13.50 24.83 9.06
CA PHE F 280 14.70 25.33 9.72
C PHE F 280 15.18 24.49 10.89
N LYS F 281 14.28 23.84 11.63
CA LYS F 281 14.64 23.20 12.89
C LYS F 281 14.86 21.70 12.78
N ARG F 282 14.31 21.05 11.76
CA ARG F 282 14.56 19.63 11.51
C ARG F 282 15.65 19.48 10.47
N LYS F 283 16.46 18.43 10.59
CA LYS F 283 17.63 18.23 9.76
C LYS F 283 17.80 16.75 9.46
N GLY F 284 18.39 16.47 8.30
CA GLY F 284 18.66 15.12 7.86
C GLY F 284 18.87 15.02 6.37
N GLY F 285 18.58 13.85 5.81
CA GLY F 285 18.53 13.71 4.37
C GLY F 285 19.85 13.84 3.65
N ILE F 286 20.05 15.00 3.03
CA ILE F 286 21.20 15.23 2.17
C ILE F 286 22.50 15.10 2.97
N GLY F 287 22.77 16.06 3.86
CA GLY F 287 23.93 16.01 4.71
C GLY F 287 23.64 16.47 6.12
N GLY F 288 22.36 16.52 6.48
CA GLY F 288 21.96 16.93 7.81
C GLY F 288 21.61 18.39 7.83
N TYR F 289 21.03 18.85 6.74
CA TYR F 289 20.64 20.24 6.57
C TYR F 289 19.15 20.40 6.80
N SER F 290 18.77 21.61 7.20
CA SER F 290 17.38 22.02 7.21
C SER F 290 17.07 22.74 5.92
N ALA F 291 15.79 22.76 5.55
CA ALA F 291 15.41 22.99 4.16
C ALA F 291 15.82 24.37 3.67
N GLY F 292 16.07 25.31 4.58
CA GLY F 292 16.57 26.60 4.17
C GLY F 292 18.01 26.53 3.73
N GLU F 293 18.79 25.67 4.40
CA GLU F 293 20.18 25.50 4.03
C GLU F 293 20.30 24.85 2.67
N ARG F 294 19.51 23.81 2.42
CA ARG F 294 19.53 23.15 1.12
C ARG F 294 19.01 24.07 0.03
N ILE F 295 17.83 24.68 0.24
CA ILE F 295 17.22 25.49 -0.80
C ILE F 295 18.09 26.70 -1.14
N VAL F 296 18.85 27.22 -0.17
CA VAL F 296 19.77 28.31 -0.48
C VAL F 296 21.04 27.76 -1.13
N ASP F 297 21.45 26.55 -0.78
CA ASP F 297 22.65 25.99 -1.39
C ASP F 297 22.43 25.72 -2.87
N ILE F 298 21.28 25.16 -3.23
CA ILE F 298 21.00 24.95 -4.64
C ILE F 298 20.94 26.28 -5.37
N ILE F 299 20.09 27.17 -4.90
CA ILE F 299 19.87 28.44 -5.57
C ILE F 299 21.00 29.36 -5.18
N PHE F 318 2.38 -3.01 -32.33
CA PHE F 318 2.18 -3.37 -30.94
C PHE F 318 0.71 -3.42 -30.57
N ARG F 319 0.42 -4.11 -29.47
CA ARG F 319 -0.92 -4.11 -28.85
C ARG F 319 -0.71 -3.82 -27.37
N VAL F 320 -1.21 -2.69 -26.91
CA VAL F 320 -0.95 -2.20 -25.57
C VAL F 320 -2.25 -2.16 -24.79
N TYR F 321 -2.28 -2.88 -23.66
CA TYR F 321 -3.44 -2.93 -22.79
C TYR F 321 -3.17 -2.04 -21.58
N TYR F 322 -4.21 -1.38 -21.09
CA TYR F 322 -4.08 -0.36 -20.08
C TYR F 322 -5.39 -0.18 -19.35
N ARG F 323 -5.35 0.54 -18.23
CA ARG F 323 -6.56 0.94 -17.55
C ARG F 323 -6.43 2.37 -17.05
N ASP F 324 -7.56 2.98 -16.78
CA ASP F 324 -7.63 4.32 -16.23
C ASP F 324 -8.98 4.48 -15.54
N SER F 325 -9.31 5.72 -15.21
CA SER F 325 -10.68 6.11 -14.85
C SER F 325 -11.20 5.35 -13.63
N ARG F 326 -10.27 4.85 -12.80
CA ARG F 326 -10.59 3.95 -11.68
C ARG F 326 -11.32 2.69 -12.16
N ASP F 327 -11.07 2.29 -13.40
CA ASP F 327 -11.79 1.20 -14.03
C ASP F 327 -10.86 -0.02 -14.07
N PRO F 328 -11.07 -1.05 -13.23
CA PRO F 328 -10.18 -2.21 -13.29
C PRO F 328 -10.34 -3.07 -14.54
N VAL F 329 -11.29 -2.75 -15.42
CA VAL F 329 -11.39 -3.43 -16.71
C VAL F 329 -10.26 -2.94 -17.60
N TRP F 330 -9.22 -3.74 -17.71
CA TRP F 330 -8.11 -3.41 -18.61
C TRP F 330 -8.62 -3.30 -20.04
N LYS F 331 -7.98 -2.40 -20.80
CA LYS F 331 -8.52 -2.00 -22.08
C LYS F 331 -7.98 -2.84 -23.21
N GLY F 332 -8.73 -2.85 -24.31
CA GLY F 332 -8.39 -3.65 -25.44
C GLY F 332 -7.13 -3.15 -26.13
N PRO F 333 -6.76 -3.82 -27.21
CA PRO F 333 -5.53 -3.44 -27.92
C PRO F 333 -5.57 -2.00 -28.39
N ALA F 334 -4.44 -1.32 -28.25
CA ALA F 334 -4.28 0.04 -28.72
C ALA F 334 -2.86 0.23 -29.24
N LYS F 335 -2.72 1.25 -30.06
CA LYS F 335 -1.52 1.44 -30.88
C LYS F 335 -0.52 2.32 -30.16
N LEU F 336 0.59 1.72 -29.72
CA LEU F 336 1.64 2.47 -29.04
C LEU F 336 2.18 3.56 -29.96
N LEU F 337 2.15 4.79 -29.48
CA LEU F 337 2.78 5.92 -30.16
C LEU F 337 4.18 6.19 -29.65
N TRP F 338 4.39 6.20 -28.33
CA TRP F 338 5.67 6.63 -27.79
C TRP F 338 6.00 5.88 -26.51
N LYS F 339 7.29 5.61 -26.33
CA LYS F 339 7.85 4.97 -25.15
C LYS F 339 8.96 5.85 -24.59
N GLY F 340 8.87 6.19 -23.32
CA GLY F 340 9.90 6.91 -22.60
C GLY F 340 10.48 6.08 -21.47
N GLU F 341 10.65 6.72 -20.32
CA GLU F 341 11.06 6.06 -19.09
C GLU F 341 10.05 6.37 -17.99
N GLY F 342 9.00 5.55 -17.87
CA GLY F 342 8.01 5.67 -16.82
C GLY F 342 6.59 5.71 -17.33
N ALA F 343 6.34 6.39 -18.44
CA ALA F 343 5.02 6.41 -19.04
C ALA F 343 5.16 6.31 -20.55
N VAL F 344 4.01 6.16 -21.21
CA VAL F 344 3.95 5.90 -22.63
C VAL F 344 2.75 6.65 -23.18
N VAL F 345 2.70 6.76 -24.50
CA VAL F 345 1.57 7.42 -25.19
C VAL F 345 1.05 6.46 -26.24
N ILE F 346 -0.26 6.47 -26.40
CA ILE F 346 -0.99 5.42 -27.10
C ILE F 346 -2.15 6.03 -27.88
N GLN F 347 -2.80 5.16 -28.67
CA GLN F 347 -3.90 5.54 -29.56
C GLN F 347 -4.85 4.36 -29.66
N ASP F 348 -6.11 4.59 -29.31
CA ASP F 348 -7.20 3.62 -29.46
C ASP F 348 -8.31 4.33 -30.23
N ASN F 349 -8.29 4.16 -31.55
CA ASN F 349 -9.26 4.80 -32.45
C ASN F 349 -9.19 6.32 -32.33
N SER F 350 -8.01 6.85 -32.63
CA SER F 350 -7.72 8.28 -32.53
C SER F 350 -7.95 8.80 -31.12
N ASP F 351 -7.68 7.98 -30.10
CA ASP F 351 -7.78 8.39 -28.70
C ASP F 351 -6.35 8.51 -28.19
N ILE F 352 -5.75 9.67 -28.42
CA ILE F 352 -4.36 9.90 -28.06
C ILE F 352 -4.31 10.14 -26.56
N LYS F 353 -3.54 9.32 -25.85
CA LYS F 353 -3.52 9.45 -24.39
C LYS F 353 -2.24 8.89 -23.80
N VAL F 354 -1.92 9.35 -22.59
CA VAL F 354 -0.73 8.95 -21.87
C VAL F 354 -1.18 7.90 -20.88
N VAL F 355 -0.30 6.97 -20.54
CA VAL F 355 -0.56 5.98 -19.49
C VAL F 355 0.76 5.71 -18.76
N PRO F 356 0.76 5.60 -17.43
CA PRO F 356 1.97 5.16 -16.75
C PRO F 356 2.18 3.67 -16.87
N ARG F 357 3.45 3.27 -16.85
CA ARG F 357 3.79 1.91 -17.21
C ARG F 357 3.29 0.88 -16.21
N ARG F 358 3.17 1.24 -14.94
CA ARG F 358 2.59 0.33 -13.95
C ARG F 358 1.18 -0.09 -14.30
N LYS F 359 0.44 0.76 -15.00
CA LYS F 359 -0.95 0.52 -15.35
C LYS F 359 -1.09 0.03 -16.80
N ALA F 360 0.01 -0.38 -17.43
CA ALA F 360 -0.03 -0.79 -18.83
C ALA F 360 0.88 -1.99 -19.07
N LYS F 361 0.60 -2.65 -20.19
CA LYS F 361 1.35 -3.80 -20.70
C LYS F 361 1.52 -3.65 -22.22
N ILE F 362 2.67 -4.04 -22.75
CA ILE F 362 2.94 -3.94 -24.18
C ILE F 362 3.05 -5.34 -24.76
N ILE F 363 2.52 -5.51 -25.97
CA ILE F 363 2.64 -6.75 -26.74
C ILE F 363 3.40 -6.42 -28.01
N ARG F 364 4.65 -6.90 -28.09
CA ARG F 364 5.58 -6.47 -29.13
C ARG F 364 5.13 -6.82 -30.55
N CYS G 151 28.02 43.49 8.46
CA CYS G 151 26.58 43.52 8.64
C CYS G 151 26.04 42.10 8.84
N SER G 152 24.91 41.98 9.54
CA SER G 152 24.40 40.67 9.94
C SER G 152 23.31 40.21 8.98
N PRO G 153 23.14 38.90 8.77
CA PRO G 153 22.11 38.44 7.82
C PRO G 153 20.71 38.44 8.38
N GLY G 154 20.54 38.13 9.67
CA GLY G 154 19.25 38.02 10.31
C GLY G 154 18.65 39.33 10.75
N ILE G 155 18.79 40.39 9.95
CA ILE G 155 18.32 41.72 10.31
C ILE G 155 17.17 42.05 9.37
N TRP G 156 16.00 42.35 9.94
CA TRP G 156 14.83 42.73 9.17
C TRP G 156 14.26 44.04 9.70
N GLN G 157 14.03 44.98 8.80
CA GLN G 157 13.39 46.24 9.13
C GLN G 157 11.93 46.18 8.72
N LEU G 158 11.06 46.61 9.63
CA LEU G 158 9.63 46.52 9.41
C LEU G 158 9.08 47.90 9.11
N ASP G 159 7.96 47.94 8.39
CA ASP G 159 7.29 49.21 8.10
C ASP G 159 5.90 48.88 7.58
N CYS G 160 5.05 49.90 7.52
CA CYS G 160 3.72 49.74 6.95
C CYS G 160 3.25 51.04 6.33
N THR G 161 2.47 50.90 5.26
CA THR G 161 1.82 52.01 4.58
C THR G 161 0.34 51.69 4.45
N HIS G 162 -0.40 52.59 3.79
CA HIS G 162 -1.85 52.57 3.80
C HIS G 162 -2.42 52.85 2.40
N LEU G 163 -1.87 52.17 1.39
CA LEU G 163 -2.26 52.47 0.02
C LEU G 163 -3.71 52.10 -0.25
N GLU G 164 -4.42 52.98 -0.94
CA GLU G 164 -5.86 52.84 -1.23
C GLU G 164 -6.68 52.79 0.06
N GLY G 165 -6.19 53.41 1.13
CA GLY G 165 -6.83 53.25 2.43
C GLY G 165 -6.72 51.86 3.01
N LYS G 166 -5.89 51.00 2.41
CA LYS G 166 -5.69 49.63 2.85
C LYS G 166 -4.26 49.48 3.37
N VAL G 167 -4.13 48.75 4.48
CA VAL G 167 -2.84 48.57 5.13
C VAL G 167 -2.00 47.63 4.29
N ILE G 168 -0.69 47.90 4.24
CA ILE G 168 0.29 47.00 3.64
C ILE G 168 1.49 46.97 4.57
N LEU G 169 1.93 45.77 4.92
CA LEU G 169 2.99 45.56 5.88
C LEU G 169 4.19 44.94 5.17
N VAL G 170 5.37 45.51 5.40
CA VAL G 170 6.55 45.21 4.61
C VAL G 170 7.72 44.95 5.55
N ALA G 171 8.46 43.89 5.24
CA ALA G 171 9.76 43.61 5.85
C ALA G 171 10.84 43.72 4.81
N VAL G 172 12.00 44.19 5.23
CA VAL G 172 13.11 44.47 4.34
C VAL G 172 14.37 43.90 4.96
N HIS G 173 15.03 43.04 4.22
CA HIS G 173 16.36 42.60 4.58
C HIS G 173 17.29 43.76 4.31
N VAL G 174 17.84 44.30 5.41
CA VAL G 174 18.67 45.51 5.36
C VAL G 174 19.90 45.27 4.52
N ALA G 175 20.68 44.24 4.85
CA ALA G 175 21.97 44.01 4.22
C ALA G 175 21.85 43.53 2.77
N SER G 176 20.64 43.37 2.25
CA SER G 176 20.43 43.12 0.83
C SER G 176 19.33 43.97 0.23
N GLY G 177 18.54 44.68 1.04
CA GLY G 177 17.42 45.42 0.53
C GLY G 177 16.33 44.53 -0.03
N TYR G 178 16.17 43.33 0.50
CA TYR G 178 15.24 42.35 -0.05
C TYR G 178 13.88 42.46 0.61
N ILE G 179 12.83 42.61 -0.18
CA ILE G 179 11.58 43.16 0.29
C ILE G 179 10.47 42.14 0.13
N GLU G 180 9.69 41.94 1.19
CA GLU G 180 8.44 41.20 1.12
C GLU G 180 7.35 42.05 1.76
N ALA G 181 6.33 42.36 0.97
CA ALA G 181 5.23 43.21 1.38
C ALA G 181 3.93 42.44 1.17
N GLU G 182 3.06 42.49 2.18
CA GLU G 182 1.82 41.74 2.16
C GLU G 182 0.68 42.60 2.67
N VAL G 183 -0.48 42.44 2.06
CA VAL G 183 -1.67 43.14 2.50
C VAL G 183 -2.10 42.58 3.84
N ILE G 184 -2.07 43.42 4.87
CA ILE G 184 -2.66 43.13 6.17
C ILE G 184 -4.07 43.69 6.16
N PRO G 185 -5.11 42.91 6.49
CA PRO G 185 -6.45 43.48 6.49
C PRO G 185 -6.67 44.54 7.56
N ALA G 186 -6.07 44.38 8.74
CA ALA G 186 -6.38 45.25 9.87
C ALA G 186 -5.14 45.45 10.73
N GLU G 187 -4.98 46.68 11.23
CA GLU G 187 -3.89 47.01 12.14
C GLU G 187 -4.12 46.30 13.47
N THR G 188 -3.32 45.27 13.72
CA THR G 188 -3.33 44.58 14.99
C THR G 188 -2.11 43.66 15.10
N GLY G 189 -1.84 43.22 16.33
CA GLY G 189 -0.78 42.26 16.58
C GLY G 189 -1.09 40.87 16.06
N GLN G 190 -2.34 40.58 15.72
CA GLN G 190 -2.70 39.25 15.24
C GLN G 190 -2.11 38.99 13.87
N GLU G 191 -2.49 39.79 12.88
CA GLU G 191 -1.96 39.61 11.53
C GLU G 191 -0.49 39.97 11.47
N THR G 192 -0.05 40.86 12.37
CA THR G 192 1.38 41.16 12.46
C THR G 192 2.16 39.91 12.85
N ALA G 193 1.79 39.31 13.99
CA ALA G 193 2.49 38.11 14.45
C ALA G 193 2.31 36.98 13.45
N TYR G 194 1.20 36.98 12.72
CA TYR G 194 1.06 36.04 11.60
C TYR G 194 2.14 36.31 10.55
N PHE G 195 2.47 37.59 10.34
CA PHE G 195 3.41 37.94 9.29
C PHE G 195 4.83 37.59 9.71
N LEU G 196 5.22 37.96 10.92
CA LEU G 196 6.55 37.61 11.42
C LEU G 196 6.68 36.12 11.63
N LEU G 197 5.56 35.44 11.83
CA LEU G 197 5.59 33.98 11.93
C LEU G 197 5.83 33.37 10.56
N LYS G 198 5.26 33.98 9.52
CA LYS G 198 5.56 33.54 8.16
C LYS G 198 7.03 33.77 7.82
N LEU G 199 7.50 35.02 7.97
CA LEU G 199 8.91 35.31 7.71
C LEU G 199 9.83 34.46 8.56
N ALA G 200 9.39 34.10 9.77
CA ALA G 200 10.21 33.28 10.64
C ALA G 200 10.48 31.92 10.02
N GLY G 201 9.46 31.32 9.41
CA GLY G 201 9.60 30.08 8.70
C GLY G 201 9.87 30.21 7.22
N ARG G 202 9.91 31.44 6.70
CA ARG G 202 10.31 31.69 5.32
C ARG G 202 11.75 32.16 5.21
N TRP G 203 12.29 32.83 6.24
CA TRP G 203 13.69 33.20 6.27
C TRP G 203 14.20 33.16 7.71
N PRO G 204 15.52 32.99 7.91
CA PRO G 204 16.05 32.88 9.28
C PRO G 204 16.14 34.22 9.98
N VAL G 205 15.04 34.65 10.58
CA VAL G 205 15.02 35.88 11.34
C VAL G 205 15.82 35.70 12.62
N LYS G 206 16.50 36.75 13.05
CA LYS G 206 17.07 36.86 14.39
C LYS G 206 16.68 38.17 15.06
N THR G 207 16.42 39.21 14.28
CA THR G 207 16.17 40.55 14.81
C THR G 207 15.24 41.31 13.88
N VAL G 208 14.26 41.96 14.48
CA VAL G 208 13.36 42.87 13.79
C VAL G 208 13.51 44.25 14.41
N HIS G 209 13.68 45.24 13.54
CA HIS G 209 13.78 46.64 13.93
C HIS G 209 12.50 47.33 13.52
N THR G 210 11.89 48.03 14.47
CA THR G 210 10.53 48.50 14.33
C THR G 210 10.29 49.60 15.36
N ASP G 211 9.07 50.12 15.39
CA ASP G 211 8.69 51.28 16.17
C ASP G 211 7.62 50.92 17.20
N ASN G 212 7.07 51.93 17.87
CA ASN G 212 6.17 51.75 19.00
C ASN G 212 4.71 51.69 18.59
N GLY G 213 4.42 51.28 17.35
CA GLY G 213 3.03 51.11 16.95
C GLY G 213 2.31 50.08 17.79
N SER G 214 0.98 50.24 17.88
CA SER G 214 0.19 49.36 18.72
C SER G 214 0.09 47.96 18.15
N ASN G 215 0.09 47.84 16.82
CA ASN G 215 0.13 46.53 16.18
C ASN G 215 1.47 45.81 16.35
N PHE G 216 2.48 46.49 16.90
CA PHE G 216 3.79 45.92 17.14
C PHE G 216 4.10 45.70 18.60
N THR G 217 3.65 46.59 19.48
CA THR G 217 3.81 46.39 20.92
C THR G 217 2.82 45.38 21.50
N SER G 218 1.87 44.90 20.68
CA SER G 218 0.96 43.86 21.13
C SER G 218 1.72 42.64 21.62
N THR G 219 1.38 42.20 22.84
CA THR G 219 2.07 41.09 23.47
C THR G 219 1.96 39.79 22.69
N THR G 220 0.98 39.67 21.79
CA THR G 220 0.94 38.53 20.89
C THR G 220 2.20 38.50 20.04
N VAL G 221 2.71 39.68 19.68
CA VAL G 221 3.96 39.76 18.95
C VAL G 221 5.08 39.20 19.80
N LYS G 222 5.13 39.61 21.07
CA LYS G 222 6.21 39.17 21.95
C LYS G 222 6.13 37.67 22.23
N ALA G 223 4.93 37.11 22.22
CA ALA G 223 4.78 35.68 22.51
C ALA G 223 5.15 34.86 21.29
N ALA G 224 4.55 35.18 20.14
CA ALA G 224 4.93 34.48 18.91
C ALA G 224 6.41 34.64 18.60
N CYS G 225 6.99 35.78 18.98
CA CYS G 225 8.42 36.00 18.74
C CYS G 225 9.26 35.31 19.79
N TRP G 226 8.78 35.23 21.03
CA TRP G 226 9.46 34.44 22.05
C TRP G 226 9.53 32.99 21.62
N TRP G 227 8.40 32.45 21.15
CA TRP G 227 8.41 31.10 20.58
C TRP G 227 9.37 31.01 19.41
N ALA G 228 9.36 32.02 18.53
CA ALA G 228 10.22 32.00 17.35
C ALA G 228 11.69 32.19 17.67
N GLY G 229 12.02 32.87 18.77
CA GLY G 229 13.39 33.27 19.04
C GLY G 229 13.77 34.58 18.38
N ILE G 246 15.50 52.55 3.52
CA ILE G 246 14.25 51.84 3.75
C ILE G 246 13.06 52.69 3.30
N GLN G 247 13.09 53.99 3.60
CA GLN G 247 12.08 54.89 3.06
C GLN G 247 12.06 54.84 1.54
N SER G 248 13.23 54.98 0.92
CA SER G 248 13.30 54.95 -0.54
C SER G 248 12.86 53.59 -1.11
N MET G 249 12.86 52.54 -0.30
CA MET G 249 12.28 51.27 -0.73
C MET G 249 10.78 51.30 -0.66
N ASN G 250 10.22 51.85 0.43
CA ASN G 250 8.78 52.03 0.53
C ASN G 250 8.24 52.80 -0.68
N LYS G 251 8.94 53.88 -1.06
CA LYS G 251 8.48 54.65 -2.21
C LYS G 251 8.85 53.97 -3.53
N GLU G 252 9.92 53.17 -3.56
CA GLU G 252 10.19 52.34 -4.73
C GLU G 252 9.01 51.43 -5.03
N LEU G 253 8.62 50.61 -4.06
CA LEU G 253 7.47 49.74 -4.23
C LEU G 253 6.21 50.54 -4.44
N LYS G 254 6.14 51.76 -3.90
CA LYS G 254 4.97 52.59 -4.11
C LYS G 254 4.84 52.97 -5.58
N LYS G 255 5.96 53.37 -6.19
CA LYS G 255 5.94 53.75 -7.60
C LYS G 255 5.68 52.56 -8.48
N ILE G 256 6.26 51.40 -8.16
CA ILE G 256 6.06 50.22 -9.00
C ILE G 256 4.61 49.78 -8.91
N ILE G 257 4.02 49.85 -7.71
CA ILE G 257 2.59 49.59 -7.55
C ILE G 257 1.79 50.56 -8.38
N GLY G 258 2.21 51.83 -8.41
CA GLY G 258 1.57 52.79 -9.30
C GLY G 258 1.64 52.35 -10.76
N GLN G 259 2.77 51.76 -11.15
CA GLN G 259 2.91 51.32 -12.54
C GLN G 259 1.96 50.18 -12.86
N VAL G 260 2.01 49.09 -12.08
CA VAL G 260 1.28 47.87 -12.42
C VAL G 260 -0.08 47.80 -11.75
N ARG G 261 -0.60 48.92 -11.25
CA ARG G 261 -1.94 48.91 -10.66
C ARG G 261 -3.00 48.59 -11.71
N ASP G 262 -2.85 49.12 -12.91
CA ASP G 262 -3.81 48.87 -13.99
C ASP G 262 -3.59 47.54 -14.70
N GLN G 263 -2.56 46.77 -14.33
CA GLN G 263 -2.37 45.43 -14.85
C GLN G 263 -3.12 44.36 -14.07
N ALA G 264 -3.63 44.69 -12.88
CA ALA G 264 -4.35 43.75 -12.06
C ALA G 264 -5.41 44.49 -11.24
N GLU G 265 -6.61 43.92 -11.18
CA GLU G 265 -7.73 44.58 -10.52
C GLU G 265 -7.49 44.68 -9.01
N HIS G 266 -7.37 43.53 -8.34
CA HIS G 266 -7.12 43.50 -6.91
C HIS G 266 -5.78 44.16 -6.59
N LEU G 267 -5.76 44.96 -5.52
CA LEU G 267 -4.53 45.65 -5.14
C LEU G 267 -3.46 44.65 -4.70
N LYS G 268 -3.82 43.76 -3.77
CA LYS G 268 -2.92 42.72 -3.25
C LYS G 268 -2.14 42.04 -4.36
N THR G 269 -2.79 41.77 -5.49
CA THR G 269 -2.13 41.23 -6.65
C THR G 269 -0.96 42.12 -7.05
N ALA G 270 -1.25 43.37 -7.42
CA ALA G 270 -0.21 44.28 -7.87
C ALA G 270 0.84 44.54 -6.80
N VAL G 271 0.46 44.42 -5.52
CA VAL G 271 1.44 44.50 -4.45
C VAL G 271 2.47 43.40 -4.63
N GLN G 272 2.00 42.16 -4.78
CA GLN G 272 2.95 41.06 -4.96
C GLN G 272 3.64 41.14 -6.33
N MET G 273 3.05 41.87 -7.28
CA MET G 273 3.73 42.07 -8.57
C MET G 273 4.87 43.04 -8.41
N ALA G 274 4.69 44.05 -7.57
CA ALA G 274 5.77 45.01 -7.32
C ALA G 274 6.88 44.37 -6.52
N VAL G 275 6.51 43.55 -5.53
CA VAL G 275 7.51 42.82 -4.77
C VAL G 275 8.28 41.89 -5.71
N PHE G 276 7.58 41.28 -6.67
CA PHE G 276 8.22 40.44 -7.66
C PHE G 276 9.20 41.24 -8.53
N ILE G 277 8.75 42.41 -8.98
CA ILE G 277 9.56 43.25 -9.85
C ILE G 277 10.83 43.69 -9.14
N HIS G 278 10.69 44.23 -7.94
CA HIS G 278 11.86 44.65 -7.18
C HIS G 278 12.79 43.48 -6.89
N ASN G 279 12.23 42.34 -6.47
CA ASN G 279 13.08 41.25 -6.00
C ASN G 279 13.81 40.51 -7.13
N PHE G 280 13.22 40.40 -8.31
CA PHE G 280 13.83 39.65 -9.40
C PHE G 280 14.03 40.44 -10.68
N LYS G 281 13.16 41.40 -11.01
CA LYS G 281 13.29 42.16 -12.25
C LYS G 281 14.21 43.36 -12.12
N ALA G 291 17.56 41.08 -5.72
CA ALA G 291 17.78 40.88 -4.30
C ALA G 291 17.72 39.40 -3.89
N GLY G 292 17.05 38.57 -4.69
CA GLY G 292 17.05 37.15 -4.44
C GLY G 292 18.46 36.59 -4.39
N GLU G 293 19.17 36.74 -5.50
CA GLU G 293 20.56 36.29 -5.52
C GLU G 293 21.44 37.13 -4.59
N ARG G 294 20.96 38.26 -4.08
CA ARG G 294 21.71 38.95 -3.04
C ARG G 294 21.68 38.17 -1.74
N ILE G 295 20.49 37.73 -1.28
CA ILE G 295 20.47 36.92 -0.08
C ILE G 295 21.18 35.59 -0.33
N VAL G 296 21.14 35.10 -1.57
CA VAL G 296 21.93 33.91 -1.86
C VAL G 296 23.41 34.23 -1.71
N ASP G 297 23.80 35.46 -2.04
CA ASP G 297 25.20 35.86 -1.91
C ASP G 297 25.59 36.04 -0.46
N ILE G 298 24.62 36.34 0.41
CA ILE G 298 24.93 36.49 1.83
C ILE G 298 25.48 35.19 2.39
N ILE G 299 24.79 34.08 2.13
CA ILE G 299 25.11 32.79 2.74
C ILE G 299 25.79 31.90 1.71
N ASN G 317 35.39 20.79 -4.92
CA ASN G 317 34.71 22.07 -5.09
C ASN G 317 33.22 21.95 -4.76
N PHE G 318 32.51 21.16 -5.57
CA PHE G 318 31.09 20.90 -5.37
C PHE G 318 30.85 19.42 -5.16
N ARG G 319 29.69 19.08 -4.60
CA ARG G 319 29.29 17.71 -4.32
C ARG G 319 27.95 17.47 -5.00
N VAL G 320 27.77 16.28 -5.55
CA VAL G 320 26.65 15.96 -6.42
C VAL G 320 25.99 14.67 -5.94
N TYR G 321 24.66 14.67 -5.89
CA TYR G 321 23.88 13.48 -5.56
C TYR G 321 22.94 13.15 -6.72
N TYR G 322 22.81 11.85 -7.02
CA TYR G 322 22.25 11.40 -8.28
C TYR G 322 21.54 10.06 -8.13
N ARG G 323 20.70 9.76 -9.12
CA ARG G 323 19.94 8.52 -9.19
C ARG G 323 20.07 7.93 -10.59
N ASP G 324 20.25 6.61 -10.65
CA ASP G 324 20.30 5.88 -11.90
C ASP G 324 18.89 5.47 -12.29
N SER G 325 18.80 4.68 -13.37
CA SER G 325 17.50 4.23 -13.84
C SER G 325 17.03 3.04 -13.02
N ARG G 326 15.78 3.09 -12.57
CA ARG G 326 15.18 1.99 -11.81
C ARG G 326 15.98 1.66 -10.58
N ASP G 327 16.33 2.67 -9.79
CA ASP G 327 17.04 2.49 -8.53
C ASP G 327 16.87 3.78 -7.74
N PRO G 328 15.70 3.99 -7.13
CA PRO G 328 15.42 5.29 -6.48
C PRO G 328 16.33 5.63 -5.31
N VAL G 329 17.29 4.79 -4.94
CA VAL G 329 18.27 5.13 -3.92
C VAL G 329 19.06 6.34 -4.38
N TRP G 330 19.25 7.30 -3.48
CA TRP G 330 20.11 8.44 -3.77
C TRP G 330 21.56 8.06 -3.54
N LYS G 331 22.43 8.55 -4.42
CA LYS G 331 23.80 8.06 -4.49
C LYS G 331 24.78 9.05 -3.88
N GLY G 332 26.01 8.57 -3.68
CA GLY G 332 26.99 9.23 -2.86
C GLY G 332 27.47 10.56 -3.40
N PRO G 333 28.33 11.24 -2.63
CA PRO G 333 28.94 12.48 -3.13
C PRO G 333 29.77 12.25 -4.37
N ALA G 334 29.35 12.86 -5.47
CA ALA G 334 30.01 12.66 -6.76
C ALA G 334 30.74 13.93 -7.16
N LYS G 335 32.04 13.78 -7.43
CA LYS G 335 32.89 14.92 -7.75
C LYS G 335 32.46 15.52 -9.08
N LEU G 336 31.88 16.71 -9.01
CA LEU G 336 31.45 17.42 -10.21
C LEU G 336 32.65 17.76 -11.07
N LEU G 337 32.70 17.19 -12.28
CA LEU G 337 33.73 17.53 -13.25
C LEU G 337 33.27 18.60 -14.23
N TRP G 338 31.99 18.61 -14.58
CA TRP G 338 31.44 19.71 -15.36
C TRP G 338 29.93 19.75 -15.16
N LYS G 339 29.39 20.96 -15.07
CA LYS G 339 27.95 21.18 -15.06
C LYS G 339 27.53 21.62 -16.45
N GLY G 340 26.68 20.81 -17.08
CA GLY G 340 26.14 21.12 -18.39
C GLY G 340 24.69 21.60 -18.32
N GLU G 341 24.07 21.65 -19.49
CA GLU G 341 22.67 22.04 -19.64
C GLU G 341 21.93 20.78 -20.08
N GLY G 342 21.09 20.25 -19.20
CA GLY G 342 20.37 19.03 -19.45
C GLY G 342 21.16 17.78 -19.15
N ALA G 343 22.48 17.86 -19.06
CA ALA G 343 23.28 16.75 -18.57
C ALA G 343 24.46 17.31 -17.79
N VAL G 344 25.04 16.45 -16.96
CA VAL G 344 26.14 16.82 -16.08
C VAL G 344 27.14 15.68 -16.02
N VAL G 345 28.40 16.07 -15.87
CA VAL G 345 29.55 15.20 -15.95
C VAL G 345 30.11 15.06 -14.54
N ILE G 346 29.91 13.88 -13.96
CA ILE G 346 30.30 13.61 -12.58
C ILE G 346 31.42 12.59 -12.56
N GLN G 347 31.99 12.39 -11.38
CA GLN G 347 32.96 11.33 -11.12
C GLN G 347 32.68 10.74 -9.75
N ASP G 348 32.36 9.45 -9.72
CA ASP G 348 32.44 8.67 -8.50
C ASP G 348 33.83 8.04 -8.42
N ASN G 349 34.01 7.15 -7.46
CA ASN G 349 35.35 6.64 -7.17
C ASN G 349 35.96 5.88 -8.34
N SER G 350 35.14 5.32 -9.23
CA SER G 350 35.64 4.53 -10.35
C SER G 350 34.94 4.75 -11.68
N ASP G 351 34.03 5.73 -11.80
CA ASP G 351 33.22 5.87 -13.01
C ASP G 351 32.85 7.33 -13.25
N ILE G 352 33.49 7.95 -14.24
CA ILE G 352 33.05 9.25 -14.74
C ILE G 352 31.73 9.04 -15.49
N LYS G 353 30.66 9.64 -14.99
CA LYS G 353 29.32 9.34 -15.48
C LYS G 353 28.65 10.57 -16.06
N VAL G 354 27.79 10.33 -17.05
CA VAL G 354 26.79 11.28 -17.52
C VAL G 354 25.55 11.08 -16.67
N VAL G 355 24.92 12.18 -16.29
CA VAL G 355 23.60 12.11 -15.65
C VAL G 355 22.76 13.27 -16.15
N PRO G 356 21.50 13.07 -16.57
CA PRO G 356 20.69 14.23 -16.92
C PRO G 356 20.33 15.04 -15.69
N ARG G 357 20.08 16.33 -15.90
CA ARG G 357 19.85 17.23 -14.76
C ARG G 357 18.59 16.86 -14.01
N ARG G 358 17.67 16.15 -14.67
CA ARG G 358 16.45 15.70 -14.02
C ARG G 358 16.70 14.65 -12.94
N LYS G 359 17.93 14.16 -12.77
CA LYS G 359 18.27 13.16 -11.76
C LYS G 359 19.49 13.57 -10.95
N ALA G 360 19.68 14.86 -10.68
CA ALA G 360 20.89 15.33 -10.02
C ALA G 360 20.59 16.50 -9.11
N LYS G 361 21.46 16.69 -8.13
CA LYS G 361 21.44 17.84 -7.24
C LYS G 361 22.88 18.23 -6.96
N ILE G 362 23.16 19.53 -7.00
CA ILE G 362 24.51 20.07 -6.87
C ILE G 362 24.53 20.98 -5.66
N ILE G 363 25.26 20.56 -4.62
CA ILE G 363 25.36 21.29 -3.35
C ILE G 363 26.83 21.36 -2.97
N ARG G 364 27.24 22.50 -2.41
CA ARG G 364 28.62 22.71 -2.01
C ARG G 364 29.07 21.68 -0.99
#